data_3CPS
#
_entry.id   3CPS
#
_cell.length_a   80.830
_cell.length_b   135.220
_cell.length_c   67.923
_cell.angle_alpha   90.000
_cell.angle_beta   103.800
_cell.angle_gamma   90.000
#
_symmetry.space_group_name_H-M   'C 1 2 1'
#
loop_
_entity.id
_entity.type
_entity.pdbx_description
1 polymer 'Glyceraldehyde 3-phosphate dehydrogenase'
2 non-polymer NICOTINAMIDE-ADENINE-DINUCLEOTIDE
3 water water
#
_entity_poly.entity_id   1
_entity_poly.type   'polypeptide(L)'
_entity_poly.pdbx_seq_one_letter_code
;MHHHHHHSSGRENLYFQGTLGINGFGRIGRLVLRACMERNDITVVAINDPFMDVEYMAYLLKYDSVHGNFNGTVEVSGKD
LCINGKVVKVFQAKDPAEIPWGASGAQIVCESTGVFTTEEKASLHLKGGAKKVIISAPPKDNVPMYVMGVNNTEYDPSKF
NVISNASCTTNCLAPLAKIINDKFGIVEGLMTTVHSLTANQLTVDGPSKGGKDWRAGRCAGNNIIPASTGAAKAVGKVIP
ALNGKLTGMAIRVPTPDVSVVDLTCKLAKPASIEEIYQAVKEASNGPMKGIMGYTSDDVVSTDFIGCKYSSIFDKNACIA
LNDSFVKLISWYDNESGYSNRLVDLAVYVASRGL
;
_entity_poly.pdbx_strand_id   A,B
#
loop_
_chem_comp.id
_chem_comp.type
_chem_comp.name
_chem_comp.formula
NAD non-polymer NICOTINAMIDE-ADENINE-DINUCLEOTIDE 'C21 H27 N7 O14 P2'
#
# COMPACT_ATOMS: atom_id res chain seq x y z
N GLY A 18 -14.69 -22.56 -11.96
CA GLY A 18 -14.71 -21.06 -11.86
C GLY A 18 -15.88 -20.42 -12.58
N THR A 19 -16.79 -19.80 -11.83
CA THR A 19 -18.01 -19.23 -12.41
C THR A 19 -18.14 -17.72 -12.15
N LEU A 20 -18.87 -17.03 -13.04
CA LEU A 20 -19.00 -15.59 -12.95
C LEU A 20 -20.46 -15.15 -12.98
N GLY A 21 -20.78 -14.18 -12.16
CA GLY A 21 -22.05 -13.48 -12.24
C GLY A 21 -21.80 -12.03 -12.64
N ILE A 22 -22.59 -11.52 -13.59
CA ILE A 22 -22.42 -10.13 -14.00
C ILE A 22 -23.58 -9.23 -13.52
N ASN A 23 -23.25 -8.25 -12.70
CA ASN A 23 -24.23 -7.24 -12.29
C ASN A 23 -23.95 -6.02 -13.14
N GLY A 24 -24.90 -5.67 -13.99
CA GLY A 24 -24.72 -4.56 -14.90
C GLY A 24 -24.25 -5.06 -16.25
N PHE A 25 -25.17 -5.19 -17.18
CA PHE A 25 -24.85 -5.75 -18.47
C PHE A 25 -24.68 -4.63 -19.50
N GLY A 26 -23.79 -3.68 -19.16
CA GLY A 26 -23.48 -2.53 -19.99
C GLY A 26 -22.28 -2.78 -20.89
N ARG A 27 -21.53 -1.72 -21.21
CA ARG A 27 -20.37 -1.85 -22.08
C ARG A 27 -19.36 -2.85 -21.51
N ILE A 28 -19.07 -2.70 -20.21
CA ILE A 28 -18.09 -3.57 -19.55
C ILE A 28 -18.67 -4.95 -19.25
N GLY A 29 -19.86 -4.99 -18.65
CA GLY A 29 -20.52 -6.25 -18.36
C GLY A 29 -20.69 -7.15 -19.57
N ARG A 30 -21.05 -6.57 -20.71
CA ARG A 30 -21.24 -7.35 -21.94
C ARG A 30 -19.91 -7.82 -22.54
N LEU A 31 -18.89 -6.96 -22.48
CA LEU A 31 -17.58 -7.29 -23.03
C LEU A 31 -16.84 -8.28 -22.13
N VAL A 32 -17.10 -8.20 -20.82
CA VAL A 32 -16.70 -9.24 -19.88
C VAL A 32 -17.29 -10.63 -20.29
N LEU A 33 -18.59 -10.66 -20.59
CA LEU A 33 -19.24 -11.91 -21.05
C LEU A 33 -18.62 -12.41 -22.35
N ARG A 34 -18.41 -11.51 -23.31
CA ARG A 34 -17.74 -11.87 -24.56
C ARG A 34 -16.35 -12.44 -24.33
N ALA A 35 -15.60 -11.84 -23.40
CA ALA A 35 -14.27 -12.37 -23.02
C ALA A 35 -14.31 -13.82 -22.50
N CYS A 36 -15.25 -14.10 -21.60
CA CYS A 36 -15.39 -15.44 -21.01
C CYS A 36 -15.76 -16.52 -22.02
N MET A 37 -16.58 -16.15 -23.01
CA MET A 37 -16.97 -17.08 -24.07
C MET A 37 -15.79 -17.53 -24.94
N GLU A 38 -14.75 -16.70 -25.00
CA GLU A 38 -13.46 -17.05 -25.63
C GLU A 38 -12.61 -17.95 -24.73
N ARG A 39 -12.97 -18.01 -23.45
CA ARG A 39 -12.12 -18.50 -22.38
C ARG A 39 -12.57 -19.88 -21.90
N ASN A 40 -11.60 -20.78 -21.71
CA ASN A 40 -11.90 -22.17 -21.31
C ASN A 40 -11.88 -22.44 -19.80
N ASP A 41 -11.60 -21.42 -19.00
CA ASP A 41 -11.38 -21.63 -17.57
C ASP A 41 -12.28 -20.76 -16.69
N ILE A 42 -13.28 -20.15 -17.31
CA ILE A 42 -14.29 -19.37 -16.60
C ILE A 42 -15.61 -19.39 -17.35
N THR A 43 -16.71 -19.50 -16.62
CA THR A 43 -18.02 -19.46 -17.25
C THR A 43 -19.00 -18.50 -16.57
N VAL A 44 -19.66 -17.70 -17.38
CA VAL A 44 -20.74 -16.82 -16.93
C VAL A 44 -22.01 -17.64 -16.74
N VAL A 45 -22.58 -17.56 -15.55
CA VAL A 45 -23.75 -18.37 -15.22
C VAL A 45 -25.00 -17.55 -14.90
N ALA A 46 -24.81 -16.26 -14.61
CA ALA A 46 -25.94 -15.38 -14.29
C ALA A 46 -25.69 -13.90 -14.60
N ILE A 47 -26.71 -13.22 -15.11
CA ILE A 47 -26.65 -11.77 -15.34
C ILE A 47 -27.77 -11.04 -14.60
N ASN A 48 -27.42 -9.92 -13.95
CA ASN A 48 -28.45 -9.01 -13.44
C ASN A 48 -28.40 -7.58 -14.03
N ASP A 49 -29.50 -7.17 -14.67
CA ASP A 49 -29.65 -5.81 -15.13
C ASP A 49 -31.12 -5.43 -15.16
N PRO A 50 -31.55 -4.60 -14.21
CA PRO A 50 -32.97 -4.18 -14.07
C PRO A 50 -33.49 -3.35 -15.23
N PHE A 51 -32.60 -2.80 -16.05
CA PHE A 51 -33.01 -1.89 -17.11
C PHE A 51 -33.04 -2.52 -18.50
N MET A 52 -32.98 -3.85 -18.52
CA MET A 52 -33.18 -4.62 -19.74
C MET A 52 -33.75 -6.00 -19.41
N ASP A 53 -34.86 -6.34 -20.07
N ASP A 53 -34.87 -6.36 -20.05
CA ASP A 53 -35.45 -7.68 -19.94
CA ASP A 53 -35.42 -7.69 -19.87
C ASP A 53 -34.57 -8.68 -20.71
C ASP A 53 -34.59 -8.67 -20.69
N VAL A 54 -34.91 -9.96 -20.60
CA VAL A 54 -34.14 -11.01 -21.27
C VAL A 54 -34.01 -10.80 -22.79
N GLU A 55 -35.09 -10.36 -23.44
CA GLU A 55 -35.11 -10.07 -24.89
C GLU A 55 -34.08 -8.99 -25.23
N TYR A 56 -34.18 -7.86 -24.54
CA TYR A 56 -33.23 -6.74 -24.71
C TYR A 56 -31.78 -7.12 -24.44
N MET A 57 -31.56 -7.90 -23.37
CA MET A 57 -30.23 -8.44 -23.05
C MET A 57 -29.62 -9.20 -24.22
N ALA A 58 -30.42 -10.06 -24.84
CA ALA A 58 -29.98 -10.92 -25.92
C ALA A 58 -29.54 -10.12 -27.14
N TYR A 59 -30.28 -9.04 -27.41
CA TYR A 59 -30.06 -8.13 -28.53
C TYR A 59 -28.76 -7.34 -28.34
N LEU A 60 -28.59 -6.77 -27.15
CA LEU A 60 -27.39 -6.01 -26.82
C LEU A 60 -26.15 -6.89 -26.79
N LEU A 61 -26.34 -8.17 -26.47
CA LEU A 61 -25.25 -9.13 -26.62
C LEU A 61 -24.92 -9.43 -28.07
N LYS A 62 -25.96 -9.64 -28.86
CA LYS A 62 -25.81 -10.10 -30.24
C LYS A 62 -25.14 -9.04 -31.12
N TYR A 63 -25.57 -7.79 -30.95
CA TYR A 63 -25.10 -6.66 -31.78
C TYR A 63 -24.29 -5.66 -30.99
N ASP A 64 -23.14 -5.29 -31.56
CA ASP A 64 -22.25 -4.31 -30.96
C ASP A 64 -21.75 -3.33 -32.02
N SER A 65 -21.98 -2.03 -31.78
CA SER A 65 -21.57 -0.96 -32.71
C SER A 65 -20.05 -0.82 -32.87
N VAL A 66 -19.30 -1.37 -31.92
CA VAL A 66 -17.84 -1.26 -31.96
C VAL A 66 -17.24 -2.65 -32.21
N HIS A 67 -17.77 -3.65 -31.50
CA HIS A 67 -17.09 -4.96 -31.45
C HIS A 67 -17.69 -6.08 -32.32
N GLY A 68 -18.63 -5.71 -33.17
CA GLY A 68 -19.26 -6.62 -34.12
C GLY A 68 -20.29 -7.58 -33.56
N ASN A 69 -20.89 -8.35 -34.46
CA ASN A 69 -21.81 -9.43 -34.14
C ASN A 69 -21.20 -10.42 -33.13
N PHE A 70 -21.95 -10.82 -32.12
CA PHE A 70 -21.46 -11.85 -31.18
C PHE A 70 -20.97 -13.07 -31.96
N ASN A 71 -19.84 -13.64 -31.56
CA ASN A 71 -19.34 -14.89 -32.16
C ASN A 71 -19.95 -16.11 -31.44
N GLY A 72 -21.07 -16.59 -31.97
CA GLY A 72 -21.81 -17.70 -31.36
C GLY A 72 -23.30 -17.44 -31.26
N THR A 73 -24.00 -18.28 -30.48
CA THR A 73 -25.46 -18.25 -30.42
C THR A 73 -26.04 -17.54 -29.18
N VAL A 74 -27.11 -16.78 -29.38
CA VAL A 74 -27.87 -16.17 -28.27
C VAL A 74 -29.36 -16.32 -28.52
N GLU A 75 -30.04 -17.05 -27.64
CA GLU A 75 -31.50 -17.15 -27.70
C GLU A 75 -32.13 -16.97 -26.32
N VAL A 76 -33.40 -16.58 -26.31
CA VAL A 76 -34.18 -16.43 -25.09
C VAL A 76 -34.83 -17.76 -24.73
N SER A 77 -34.69 -18.18 -23.47
CA SER A 77 -35.33 -19.40 -22.99
C SER A 77 -36.30 -19.15 -21.84
N GLY A 78 -35.77 -18.81 -20.66
CA GLY A 78 -36.59 -18.54 -19.49
C GLY A 78 -37.28 -17.18 -19.53
N ASP A 80 -34.45 -16.39 -19.17
CA ASP A 80 -33.06 -16.82 -19.23
C ASP A 80 -32.49 -16.81 -20.64
N LEU A 81 -31.17 -16.70 -20.71
CA LEU A 81 -30.46 -16.71 -21.98
C LEU A 81 -29.92 -18.09 -22.24
N CYS A 82 -29.86 -18.45 -23.51
CA CYS A 82 -29.07 -19.60 -23.92
C CYS A 82 -27.95 -19.06 -24.79
N ILE A 83 -26.74 -19.08 -24.25
CA ILE A 83 -25.57 -18.54 -24.94
C ILE A 83 -24.58 -19.66 -25.28
N ASN A 84 -24.33 -19.83 -26.57
CA ASN A 84 -23.52 -20.95 -27.07
C ASN A 84 -24.01 -22.32 -26.56
N GLY A 85 -25.32 -22.44 -26.36
CA GLY A 85 -25.93 -23.70 -25.94
C GLY A 85 -26.10 -23.90 -24.43
N LYS A 86 -25.59 -22.96 -23.64
CA LYS A 86 -25.66 -23.06 -22.18
C LYS A 86 -26.56 -21.99 -21.55
N VAL A 87 -27.35 -22.41 -20.56
CA VAL A 87 -28.29 -21.53 -19.87
C VAL A 87 -27.57 -20.52 -19.00
N VAL A 88 -27.94 -19.25 -19.16
CA VAL A 88 -27.42 -18.18 -18.35
C VAL A 88 -28.60 -17.52 -17.67
N LYS A 89 -28.63 -17.62 -16.34
CA LYS A 89 -29.74 -17.14 -15.53
C LYS A 89 -29.80 -15.63 -15.53
N VAL A 90 -31.02 -15.10 -15.68
CA VAL A 90 -31.21 -13.67 -15.87
C VAL A 90 -32.06 -13.10 -14.74
N PHE A 91 -31.59 -12.00 -14.15
CA PHE A 91 -32.31 -11.31 -13.10
C PHE A 91 -32.48 -9.82 -13.44
N GLN A 92 -33.45 -9.18 -12.79
CA GLN A 92 -33.74 -7.75 -12.98
C GLN A 92 -33.97 -7.04 -11.65
N ALA A 93 -33.03 -7.15 -10.73
CA ALA A 93 -33.22 -6.58 -9.40
C ALA A 93 -32.43 -5.27 -9.21
N LYS A 94 -33.08 -4.27 -8.62
CA LYS A 94 -32.44 -2.98 -8.32
C LYS A 94 -31.35 -3.18 -7.25
N ASP A 95 -31.62 -4.08 -6.31
CA ASP A 95 -30.83 -4.27 -5.09
C ASP A 95 -29.94 -5.49 -5.26
N PRO A 96 -28.60 -5.33 -5.07
CA PRO A 96 -27.70 -6.48 -5.21
C PRO A 96 -27.95 -7.53 -4.12
N ALA A 97 -28.41 -7.08 -2.96
CA ALA A 97 -28.74 -7.96 -1.84
C ALA A 97 -29.70 -9.07 -2.24
N GLU A 98 -30.44 -8.83 -3.33
CA GLU A 98 -31.56 -9.66 -3.74
C GLU A 98 -31.29 -10.67 -4.86
N ILE A 99 -30.12 -10.55 -5.52
CA ILE A 99 -29.78 -11.47 -6.61
C ILE A 99 -29.32 -12.80 -6.02
N PRO A 100 -30.02 -13.89 -6.35
CA PRO A 100 -29.60 -15.18 -5.80
C PRO A 100 -28.40 -15.79 -6.53
N TRP A 101 -27.23 -15.19 -6.32
CA TRP A 101 -25.98 -15.64 -6.95
C TRP A 101 -25.65 -17.09 -6.60
N GLY A 102 -25.79 -17.43 -5.31
CA GLY A 102 -25.50 -18.77 -4.79
C GLY A 102 -26.39 -19.85 -5.37
N ALA A 103 -27.67 -19.53 -5.52
CA ALA A 103 -28.64 -20.42 -6.16
C ALA A 103 -28.30 -20.69 -7.62
N SER A 104 -27.82 -19.64 -8.30
CA SER A 104 -27.44 -19.72 -9.71
C SER A 104 -26.10 -20.40 -9.90
N GLY A 105 -25.36 -20.58 -8.80
CA GLY A 105 -24.02 -21.19 -8.82
C GLY A 105 -22.91 -20.22 -9.19
N ALA A 106 -23.17 -18.92 -9.03
CA ALA A 106 -22.21 -17.87 -9.38
C ALA A 106 -21.28 -17.52 -8.22
N GLN A 107 -19.99 -17.82 -8.41
CA GLN A 107 -18.96 -17.69 -7.36
C GLN A 107 -18.37 -16.27 -7.26
N ILE A 108 -18.03 -15.70 -8.41
CA ILE A 108 -17.49 -14.34 -8.49
C ILE A 108 -18.53 -13.42 -9.12
N VAL A 109 -18.66 -12.22 -8.56
CA VAL A 109 -19.49 -11.21 -9.18
C VAL A 109 -18.62 -10.14 -9.81
N CYS A 110 -18.87 -9.90 -11.10
CA CYS A 110 -18.39 -8.72 -11.80
C CYS A 110 -19.38 -7.57 -11.56
N GLU A 111 -18.98 -6.64 -10.70
CA GLU A 111 -19.82 -5.50 -10.32
C GLU A 111 -19.58 -4.35 -11.31
N SER A 112 -20.38 -4.29 -12.36
CA SER A 112 -20.20 -3.30 -13.43
C SER A 112 -21.42 -2.41 -13.70
N THR A 113 -22.14 -2.04 -12.65
CA THR A 113 -23.25 -1.10 -12.79
C THR A 113 -22.72 0.34 -12.84
N GLY A 114 -21.58 0.55 -12.17
CA GLY A 114 -21.01 1.88 -11.95
C GLY A 114 -21.58 2.56 -10.73
N VAL A 115 -22.42 1.87 -9.96
CA VAL A 115 -23.09 2.54 -8.83
C VAL A 115 -22.96 1.90 -7.45
N PHE A 116 -22.19 0.82 -7.36
CA PHE A 116 -21.92 0.14 -6.10
C PHE A 116 -20.40 -0.03 -5.91
N THR A 117 -19.70 1.10 -5.78
CA THR A 117 -18.23 1.10 -5.79
C THR A 117 -17.60 1.24 -4.41
N THR A 118 -18.32 0.85 -3.37
CA THR A 118 -17.78 0.76 -2.01
C THR A 118 -17.88 -0.68 -1.52
N GLU A 119 -17.13 -1.00 -0.46
CA GLU A 119 -17.23 -2.29 0.21
C GLU A 119 -18.65 -2.46 0.73
N GLU A 120 -19.15 -1.42 1.38
CA GLU A 120 -20.50 -1.40 1.91
C GLU A 120 -21.53 -1.88 0.88
N LYS A 121 -21.55 -1.22 -0.28
CA LYS A 121 -22.50 -1.53 -1.33
C LYS A 121 -22.19 -2.82 -2.07
N ALA A 122 -20.93 -3.02 -2.43
CA ALA A 122 -20.54 -4.20 -3.21
C ALA A 122 -20.63 -5.52 -2.44
N SER A 123 -20.48 -5.43 -1.11
CA SER A 123 -20.51 -6.60 -0.21
C SER A 123 -21.90 -7.22 -0.10
N LEU A 124 -22.94 -6.48 -0.47
CA LEU A 124 -24.30 -6.99 -0.46
C LEU A 124 -24.52 -8.16 -1.43
N HIS A 125 -23.71 -8.23 -2.50
CA HIS A 125 -23.64 -9.40 -3.38
C HIS A 125 -23.35 -10.71 -2.60
N LEU A 126 -22.65 -10.61 -1.47
CA LEU A 126 -22.33 -11.78 -0.64
C LEU A 126 -23.56 -12.38 0.09
N LYS A 127 -24.58 -11.55 0.29
CA LYS A 127 -25.84 -11.97 0.89
C LYS A 127 -26.56 -12.96 0.00
N GLY A 128 -26.47 -12.74 -1.31
CA GLY A 128 -27.04 -13.65 -2.29
C GLY A 128 -26.23 -14.91 -2.47
N GLY A 129 -25.10 -15.00 -1.77
CA GLY A 129 -24.30 -16.23 -1.78
C GLY A 129 -23.10 -16.24 -2.71
N ALA A 130 -22.77 -15.11 -3.31
CA ALA A 130 -21.50 -14.96 -4.01
C ALA A 130 -20.36 -15.04 -3.00
N LYS A 131 -19.21 -15.54 -3.42
CA LYS A 131 -18.03 -15.62 -2.56
C LYS A 131 -17.16 -14.36 -2.66
N LYS A 132 -17.02 -13.83 -3.87
CA LYS A 132 -16.11 -12.72 -4.15
C LYS A 132 -16.74 -11.71 -5.10
N VAL A 133 -16.34 -10.45 -4.97
CA VAL A 133 -16.85 -9.38 -5.82
C VAL A 133 -15.66 -8.58 -6.36
N ILE A 134 -15.65 -8.38 -7.68
CA ILE A 134 -14.72 -7.50 -8.35
C ILE A 134 -15.46 -6.23 -8.81
N ILE A 135 -15.14 -5.11 -8.19
CA ILE A 135 -15.69 -3.83 -8.64
C ILE A 135 -14.97 -3.46 -9.92
N SER A 136 -15.75 -3.12 -10.95
CA SER A 136 -15.21 -2.83 -12.27
C SER A 136 -14.91 -1.33 -12.41
N ALA A 137 -14.38 -0.76 -11.34
CA ALA A 137 -14.12 0.67 -11.29
C ALA A 137 -13.17 0.96 -10.11
N PRO A 138 -12.59 2.17 -10.06
CA PRO A 138 -11.85 2.47 -8.84
C PRO A 138 -12.89 2.71 -7.75
N PRO A 139 -12.60 2.32 -6.50
CA PRO A 139 -13.57 2.43 -5.42
C PRO A 139 -13.70 3.84 -4.86
N LYS A 140 -14.85 4.19 -4.32
CA LYS A 140 -14.99 5.46 -3.58
C LYS A 140 -14.38 5.34 -2.17
N ASP A 141 -14.04 4.12 -1.76
CA ASP A 141 -13.42 3.86 -0.47
C ASP A 141 -12.03 3.19 -0.64
N ASN A 142 -11.61 2.43 0.36
CA ASN A 142 -10.27 1.87 0.38
C ASN A 142 -10.21 0.39 -0.01
N VAL A 143 -11.27 -0.10 -0.68
CA VAL A 143 -11.25 -1.41 -1.31
C VAL A 143 -9.95 -1.50 -2.11
N PRO A 144 -9.16 -2.58 -1.91
CA PRO A 144 -7.89 -2.75 -2.64
C PRO A 144 -8.03 -2.84 -4.18
N MET A 145 -7.16 -2.13 -4.89
CA MET A 145 -7.18 -2.12 -6.34
C MET A 145 -6.05 -3.00 -6.84
N TYR A 146 -6.35 -3.86 -7.81
CA TYR A 146 -5.36 -4.73 -8.41
C TYR A 146 -5.28 -4.54 -9.92
N VAL A 147 -4.05 -4.51 -10.41
CA VAL A 147 -3.74 -4.43 -11.82
C VAL A 147 -2.91 -5.67 -12.15
N MET A 148 -3.40 -6.47 -13.08
CA MET A 148 -2.77 -7.72 -13.47
C MET A 148 -1.40 -7.46 -14.05
N GLY A 149 -0.42 -8.23 -13.59
CA GLY A 149 0.96 -8.06 -14.06
C GLY A 149 1.69 -6.94 -13.34
N VAL A 150 1.00 -6.26 -12.42
CA VAL A 150 1.59 -5.21 -11.61
C VAL A 150 1.58 -5.54 -10.11
N ASN A 151 0.39 -5.71 -9.52
CA ASN A 151 0.32 -5.98 -8.09
C ASN A 151 -0.72 -7.05 -7.69
N ASN A 152 -1.25 -7.77 -8.67
CA ASN A 152 -2.37 -8.68 -8.40
C ASN A 152 -2.07 -9.78 -7.40
N THR A 153 -0.80 -10.18 -7.31
CA THR A 153 -0.39 -11.27 -6.41
C THR A 153 -0.33 -10.84 -4.94
N GLU A 154 -0.48 -9.54 -4.68
CA GLU A 154 -0.64 -9.00 -3.31
C GLU A 154 -2.00 -9.28 -2.71
N TYR A 155 -2.94 -9.70 -3.56
CA TYR A 155 -4.25 -10.14 -3.09
C TYR A 155 -4.14 -11.34 -2.13
N ASP A 156 -4.79 -11.21 -0.98
CA ASP A 156 -4.85 -12.27 0.01
C ASP A 156 -6.33 -12.61 0.22
N PRO A 157 -6.74 -13.83 -0.21
CA PRO A 157 -8.15 -14.25 -0.16
C PRO A 157 -8.71 -14.27 1.27
N SER A 158 -7.84 -14.46 2.27
CA SER A 158 -8.28 -14.47 3.65
C SER A 158 -8.48 -13.06 4.21
N LYS A 159 -8.11 -12.05 3.43
CA LYS A 159 -8.20 -10.67 3.90
C LYS A 159 -9.34 -9.86 3.22
N PHE A 160 -9.63 -10.16 1.96
CA PHE A 160 -10.67 -9.41 1.22
C PHE A 160 -11.66 -10.27 0.44
N ASN A 161 -12.94 -9.87 0.50
CA ASN A 161 -13.99 -10.48 -0.33
C ASN A 161 -14.48 -9.54 -1.46
N VAL A 162 -14.25 -8.25 -1.30
CA VAL A 162 -14.55 -7.24 -2.30
C VAL A 162 -13.24 -6.58 -2.76
N ILE A 163 -13.00 -6.62 -4.06
CA ILE A 163 -11.79 -6.03 -4.61
C ILE A 163 -12.15 -5.17 -5.85
N SER A 164 -11.27 -4.28 -6.24
CA SER A 164 -11.47 -3.46 -7.43
C SER A 164 -10.47 -3.84 -8.53
N ASN A 165 -10.90 -3.71 -9.79
CA ASN A 165 -9.98 -3.93 -10.94
C ASN A 165 -9.39 -2.61 -11.47
N ALA A 166 -9.56 -1.54 -10.68
CA ALA A 166 -9.15 -0.20 -11.04
C ALA A 166 -9.94 0.27 -12.28
N SER A 167 -9.42 1.25 -13.00
CA SER A 167 -10.05 1.73 -14.20
C SER A 167 -9.24 1.24 -15.40
N CYS A 168 -9.80 1.43 -16.60
CA CYS A 168 -9.12 1.24 -17.87
C CYS A 168 -7.83 2.06 -17.92
N THR A 169 -7.92 3.34 -17.55
CA THR A 169 -6.77 4.27 -17.57
C THR A 169 -5.64 3.83 -16.63
N THR A 170 -5.98 3.44 -15.41
CA THR A 170 -5.00 2.86 -14.48
C THR A 170 -4.33 1.59 -15.03
N ASN A 171 -5.11 0.72 -15.68
CA ASN A 171 -4.51 -0.51 -16.25
C ASN A 171 -3.59 -0.20 -17.40
N CYS A 172 -3.78 0.95 -18.04
CA CYS A 172 -2.86 1.39 -19.08
C CYS A 172 -1.57 1.99 -18.49
N LEU A 173 -1.73 2.89 -17.53
CA LEU A 173 -0.59 3.60 -16.94
C LEU A 173 0.28 2.78 -15.98
N ALA A 174 -0.33 1.93 -15.16
CA ALA A 174 0.41 1.23 -14.11
C ALA A 174 1.52 0.33 -14.64
N PRO A 175 1.22 -0.51 -15.65
CA PRO A 175 2.32 -1.31 -16.21
C PRO A 175 3.41 -0.41 -16.76
N LEU A 176 3.03 0.58 -17.57
CA LEU A 176 4.02 1.59 -18.01
C LEU A 176 4.82 2.24 -16.87
N ALA A 177 4.12 2.81 -15.87
CA ALA A 177 4.79 3.40 -14.72
C ALA A 177 5.77 2.44 -14.02
N LYS A 178 5.34 1.20 -13.81
CA LYS A 178 6.16 0.19 -13.15
C LYS A 178 7.45 -0.05 -13.92
N ILE A 179 7.32 -0.33 -15.22
CA ILE A 179 8.51 -0.50 -16.08
C ILE A 179 9.48 0.69 -15.97
N ILE A 180 8.93 1.91 -16.12
CA ILE A 180 9.73 3.12 -16.13
C ILE A 180 10.38 3.41 -14.76
N ASN A 181 9.58 3.25 -13.69
CA ASN A 181 10.10 3.43 -12.33
C ASN A 181 11.19 2.46 -11.94
N ASP A 182 10.99 1.17 -12.25
CA ASP A 182 11.93 0.12 -11.88
C ASP A 182 13.28 0.30 -12.55
N LYS A 183 13.26 0.65 -13.84
CA LYS A 183 14.47 0.78 -14.67
C LYS A 183 15.17 2.14 -14.54
N PHE A 184 14.39 3.21 -14.41
CA PHE A 184 14.99 4.55 -14.43
C PHE A 184 14.69 5.37 -13.19
N GLY A 185 13.51 5.13 -12.61
CA GLY A 185 12.99 5.93 -11.51
C GLY A 185 12.21 7.12 -12.03
N ILE A 186 10.95 7.23 -11.62
CA ILE A 186 10.13 8.40 -11.92
C ILE A 186 10.26 9.39 -10.76
N VAL A 187 10.79 10.58 -11.04
CA VAL A 187 10.90 11.65 -10.03
C VAL A 187 9.51 12.27 -9.84
N GLU A 188 8.94 12.72 -10.95
CA GLU A 188 7.63 13.39 -10.98
C GLU A 188 6.98 13.06 -12.31
N GLY A 189 5.67 12.89 -12.32
CA GLY A 189 4.91 12.62 -13.54
C GLY A 189 3.53 13.27 -13.55
N LEU A 190 3.11 13.73 -14.74
CA LEU A 190 1.77 14.27 -14.97
C LEU A 190 1.14 13.59 -16.20
N MET A 191 -0.08 13.10 -16.05
CA MET A 191 -0.78 12.37 -17.12
C MET A 191 -1.99 13.07 -17.69
N THR A 192 -2.12 13.00 -19.01
CA THR A 192 -3.38 13.26 -19.69
C THR A 192 -3.81 11.99 -20.38
N THR A 193 -5.07 11.62 -20.19
CA THR A 193 -5.65 10.60 -21.06
C THR A 193 -6.64 11.19 -22.05
N VAL A 194 -6.37 10.99 -23.33
CA VAL A 194 -7.33 11.36 -24.39
C VAL A 194 -8.21 10.12 -24.55
N HIS A 195 -9.49 10.29 -24.21
CA HIS A 195 -10.39 9.16 -23.93
C HIS A 195 -11.62 9.19 -24.86
N SER A 196 -11.94 8.04 -25.46
CA SER A 196 -13.20 7.89 -26.19
C SER A 196 -14.38 8.17 -25.26
N LEU A 197 -15.52 8.52 -25.85
CA LEU A 197 -16.70 8.81 -25.05
C LEU A 197 -17.24 7.55 -24.36
N THR A 198 -18.04 7.75 -23.34
CA THR A 198 -18.55 6.66 -22.53
C THR A 198 -20.02 6.92 -22.25
N ALA A 199 -20.65 5.99 -21.54
CA ALA A 199 -22.09 6.01 -21.34
C ALA A 199 -22.60 7.17 -20.48
N ASN A 200 -21.72 7.78 -19.68
CA ASN A 200 -22.08 8.90 -18.83
C ASN A 200 -22.22 10.23 -19.59
N GLN A 201 -21.78 10.23 -20.86
CA GLN A 201 -21.87 11.42 -21.70
C GLN A 201 -23.23 11.53 -22.39
N LEU A 202 -23.49 12.67 -23.02
CA LEU A 202 -24.78 12.93 -23.64
C LEU A 202 -24.66 13.31 -25.08
N THR A 203 -25.65 12.92 -25.89
CA THR A 203 -25.63 13.16 -27.34
C THR A 203 -25.78 14.64 -27.68
N VAL A 204 -26.54 15.36 -26.85
CA VAL A 204 -26.75 16.81 -26.99
C VAL A 204 -26.61 17.49 -25.61
N ASP A 205 -26.44 18.82 -25.59
CA ASP A 205 -26.28 19.54 -24.32
C ASP A 205 -27.49 19.33 -23.43
N GLY A 206 -27.24 18.78 -22.24
CA GLY A 206 -28.24 18.58 -21.20
C GLY A 206 -27.62 18.50 -19.81
N PRO A 207 -28.45 18.28 -18.78
CA PRO A 207 -27.88 18.21 -17.44
C PRO A 207 -27.29 16.84 -17.10
N SER A 208 -26.11 16.83 -16.48
CA SER A 208 -25.56 15.64 -15.81
C SER A 208 -26.36 15.32 -14.54
N LYS A 209 -26.00 14.28 -13.80
CA LYS A 209 -26.81 13.94 -12.60
C LYS A 209 -26.45 14.52 -11.18
N GLY A 210 -25.89 15.73 -11.01
CA GLY A 210 -25.55 16.70 -12.06
C GLY A 210 -24.78 17.88 -11.49
N ASP A 213 -20.26 17.13 -12.93
CA ASP A 213 -19.50 17.24 -14.16
C ASP A 213 -20.37 17.92 -15.22
N TRP A 214 -20.46 19.26 -15.17
CA TRP A 214 -21.21 19.98 -16.21
C TRP A 214 -20.66 19.75 -17.60
N ARG A 215 -19.34 19.78 -17.74
CA ARG A 215 -18.67 19.49 -19.04
C ARG A 215 -19.09 18.18 -19.70
N ALA A 216 -19.31 17.13 -18.88
CA ALA A 216 -19.64 15.81 -19.42
C ALA A 216 -21.04 15.72 -20.03
N GLY A 217 -21.86 16.72 -19.77
CA GLY A 217 -23.21 16.74 -20.34
C GLY A 217 -23.34 17.60 -21.57
N ARG A 218 -22.20 18.03 -22.11
CA ARG A 218 -22.14 18.76 -23.37
C ARG A 218 -22.03 17.81 -24.57
N CYS A 219 -22.72 18.18 -25.66
CA CYS A 219 -22.90 17.35 -26.84
C CYS A 219 -21.58 16.61 -27.14
N ALA A 220 -21.65 15.28 -27.03
CA ALA A 220 -20.45 14.46 -26.97
C ALA A 220 -19.80 14.38 -28.34
N GLY A 221 -20.59 14.55 -29.40
CA GLY A 221 -20.11 14.28 -30.75
C GLY A 221 -19.31 15.38 -31.43
N ASN A 222 -19.39 16.61 -30.91
CA ASN A 222 -18.70 17.73 -31.53
C ASN A 222 -17.78 18.51 -30.59
N ASN A 223 -17.50 17.91 -29.42
CA ASN A 223 -16.70 18.58 -28.41
C ASN A 223 -15.43 17.87 -28.02
N ILE A 224 -14.40 18.67 -27.75
CA ILE A 224 -13.27 18.26 -26.91
C ILE A 224 -13.59 18.67 -25.46
N ILE A 225 -13.61 17.68 -24.55
CA ILE A 225 -14.20 17.90 -23.21
C ILE A 225 -13.21 17.53 -22.09
N PRO A 226 -12.70 18.55 -21.34
CA PRO A 226 -11.88 18.24 -20.17
C PRO A 226 -12.65 17.51 -19.07
N ALA A 227 -12.00 16.51 -18.48
CA ALA A 227 -12.59 15.73 -17.40
C ALA A 227 -11.56 15.44 -16.30
N SER A 228 -12.06 15.20 -15.09
CA SER A 228 -11.21 14.77 -13.99
C SER A 228 -11.06 13.24 -14.08
N THR A 229 -9.91 12.73 -13.68
CA THR A 229 -9.72 11.29 -13.49
C THR A 229 -8.75 11.03 -12.34
N GLY A 230 -9.00 9.97 -11.58
CA GLY A 230 -8.15 9.65 -10.45
C GLY A 230 -7.09 8.63 -10.83
N ALA A 231 -7.05 8.26 -12.10
CA ALA A 231 -6.22 7.15 -12.58
C ALA A 231 -4.74 7.22 -12.21
N ALA A 232 -4.14 8.41 -12.29
CA ALA A 232 -2.70 8.55 -12.07
C ALA A 232 -2.29 8.46 -10.61
N LYS A 233 -3.07 9.09 -9.75
CA LYS A 233 -2.94 8.99 -8.30
C LYS A 233 -3.23 7.56 -7.83
N ALA A 234 -4.16 6.88 -8.50
CA ALA A 234 -4.44 5.46 -8.25
C ALA A 234 -3.21 4.60 -8.43
N VAL A 235 -2.35 4.94 -9.41
CA VAL A 235 -1.09 4.24 -9.61
C VAL A 235 -0.21 4.32 -8.36
N GLY A 236 -0.41 5.37 -7.55
CA GLY A 236 0.32 5.54 -6.28
C GLY A 236 -0.13 4.63 -5.14
N LYS A 237 -1.28 3.99 -5.30
CA LYS A 237 -1.79 3.01 -4.34
C LYS A 237 -1.37 1.62 -4.83
N VAL A 238 -1.56 1.41 -6.14
CA VAL A 238 -1.16 0.16 -6.79
C VAL A 238 0.34 -0.10 -6.68
N ILE A 239 1.14 0.97 -6.85
CA ILE A 239 2.59 0.94 -6.67
C ILE A 239 2.94 2.00 -5.62
N PRO A 240 2.96 1.62 -4.33
CA PRO A 240 3.16 2.59 -3.25
C PRO A 240 4.44 3.44 -3.33
N ALA A 241 5.48 2.95 -4.01
CA ALA A 241 6.68 3.74 -4.31
C ALA A 241 6.38 5.07 -5.02
N LEU A 242 5.31 5.09 -5.81
CA LEU A 242 4.93 6.25 -6.64
C LEU A 242 3.87 7.10 -5.98
N ASN A 243 3.61 6.80 -4.71
CA ASN A 243 2.70 7.63 -3.92
C ASN A 243 3.18 9.08 -3.92
N GLY A 244 2.30 9.98 -4.36
CA GLY A 244 2.57 11.43 -4.41
C GLY A 244 3.34 11.93 -5.61
N LYS A 245 3.77 11.00 -6.47
CA LYS A 245 4.64 11.33 -7.60
C LYS A 245 3.88 11.52 -8.92
N LEU A 246 2.59 11.20 -8.91
CA LEU A 246 1.79 11.22 -10.13
C LEU A 246 0.42 11.81 -9.94
N THR A 247 0.00 12.60 -10.91
CA THR A 247 -1.42 12.96 -11.02
C THR A 247 -1.80 13.23 -12.50
N GLY A 248 -3.06 13.55 -12.75
CA GLY A 248 -3.52 13.58 -14.11
C GLY A 248 -4.92 14.11 -14.34
N MET A 249 -5.29 14.16 -15.60
CA MET A 249 -6.60 14.61 -16.03
C MET A 249 -6.94 13.88 -17.31
N ALA A 250 -8.18 14.02 -17.76
CA ALA A 250 -8.63 13.36 -18.97
C ALA A 250 -9.23 14.36 -19.94
N ILE A 251 -9.12 14.05 -21.23
CA ILE A 251 -9.85 14.79 -22.24
C ILE A 251 -10.75 13.83 -23.04
N ARG A 252 -12.05 14.04 -22.93
CA ARG A 252 -13.06 13.24 -23.65
C ARG A 252 -13.18 13.74 -25.10
N VAL A 253 -13.11 12.80 -26.05
CA VAL A 253 -13.23 13.12 -27.48
C VAL A 253 -14.32 12.24 -28.14
N PRO A 254 -14.89 12.69 -29.27
CA PRO A 254 -16.07 12.01 -29.88
C PRO A 254 -16.00 10.55 -30.33
N THR A 255 -14.82 9.94 -30.38
CA THR A 255 -14.70 8.56 -30.89
C THR A 255 -15.39 7.51 -29.99
N PRO A 256 -15.99 6.45 -30.59
CA PRO A 256 -16.77 5.48 -29.79
C PRO A 256 -15.97 4.52 -28.91
N ASP A 257 -14.71 4.24 -29.27
CA ASP A 257 -13.85 3.34 -28.49
C ASP A 257 -12.38 3.58 -28.75
N VAL A 258 -11.60 3.33 -27.69
CA VAL A 258 -10.11 3.34 -27.68
C VAL A 258 -9.58 4.68 -27.17
N SER A 259 -8.61 4.60 -26.27
CA SER A 259 -8.10 5.77 -25.56
C SER A 259 -6.57 5.77 -25.50
N VAL A 260 -5.98 6.89 -25.11
CA VAL A 260 -4.51 7.01 -25.08
C VAL A 260 -3.98 7.77 -23.85
N VAL A 261 -2.98 7.17 -23.21
CA VAL A 261 -2.25 7.78 -22.11
C VAL A 261 -1.08 8.60 -22.64
N ASP A 262 -1.04 9.86 -22.17
CA ASP A 262 0.02 10.80 -22.47
C ASP A 262 0.72 11.09 -21.14
N LEU A 263 1.85 10.45 -20.92
CA LEU A 263 2.58 10.55 -19.65
C LEU A 263 3.82 11.43 -19.76
N THR A 264 3.80 12.59 -19.11
CA THR A 264 4.98 13.46 -19.05
C THR A 264 5.67 13.29 -17.72
N CYS A 265 6.91 12.80 -17.76
CA CYS A 265 7.67 12.46 -16.56
C CYS A 265 9.14 12.85 -16.60
N LYS A 266 9.61 13.30 -15.42
CA LYS A 266 11.03 13.50 -15.10
C LYS A 266 11.62 12.21 -14.52
N LEU A 267 12.73 11.77 -15.09
CA LEU A 267 13.37 10.53 -14.67
C LEU A 267 14.60 10.79 -13.81
N ALA A 268 14.87 9.89 -12.87
CA ALA A 268 15.99 10.01 -11.92
C ALA A 268 17.33 9.63 -12.57
N LYS A 269 17.26 8.74 -13.54
CA LYS A 269 18.41 8.34 -14.33
C LYS A 269 18.07 8.71 -15.77
N PRO A 270 19.08 9.10 -16.57
CA PRO A 270 18.84 9.42 -17.97
C PRO A 270 18.40 8.21 -18.80
N ALA A 271 17.46 8.45 -19.71
CA ALA A 271 16.95 7.43 -20.61
C ALA A 271 16.50 8.06 -21.90
N SER A 272 17.00 7.52 -23.01
CA SER A 272 16.55 7.92 -24.34
C SER A 272 15.26 7.17 -24.64
N ILE A 273 14.52 7.65 -25.64
CA ILE A 273 13.29 6.97 -26.05
C ILE A 273 13.58 5.52 -26.38
N GLU A 274 14.70 5.29 -27.07
CA GLU A 274 15.17 3.94 -27.42
C GLU A 274 15.38 3.02 -26.20
N GLU A 275 15.99 3.55 -25.15
CA GLU A 275 16.22 2.76 -23.93
C GLU A 275 14.93 2.43 -23.19
N ILE A 276 13.99 3.37 -23.22
CA ILE A 276 12.66 3.21 -22.64
C ILE A 276 11.91 2.15 -23.45
N TYR A 277 12.02 2.23 -24.78
CA TYR A 277 11.44 1.24 -25.67
C TYR A 277 11.93 -0.19 -25.38
N GLN A 278 13.23 -0.34 -25.09
CA GLN A 278 13.79 -1.67 -24.79
C GLN A 278 13.30 -2.21 -23.44
N ALA A 279 13.26 -1.36 -22.43
CA ALA A 279 12.69 -1.70 -21.12
C ALA A 279 11.24 -2.16 -21.25
N VAL A 280 10.46 -1.43 -22.06
CA VAL A 280 9.09 -1.84 -22.36
C VAL A 280 9.08 -3.22 -22.99
N LYS A 281 9.88 -3.40 -24.04
CA LYS A 281 9.94 -4.62 -24.83
C LYS A 281 10.36 -5.83 -23.98
N GLU A 282 11.31 -5.61 -23.08
CA GLU A 282 11.73 -6.63 -22.13
C GLU A 282 10.55 -7.10 -21.27
N ALA A 283 9.82 -6.16 -20.67
CA ALA A 283 8.71 -6.54 -19.80
C ALA A 283 7.53 -7.15 -20.56
N SER A 284 7.24 -6.61 -21.74
CA SER A 284 6.20 -7.15 -22.64
C SER A 284 6.43 -8.61 -23.00
N ASN A 285 7.69 -8.95 -23.24
CA ASN A 285 8.06 -10.29 -23.67
C ASN A 285 8.43 -11.24 -22.53
N GLY A 286 8.38 -10.73 -21.30
CA GLY A 286 8.69 -11.54 -20.12
C GLY A 286 7.58 -11.47 -19.09
N PRO A 287 7.85 -10.80 -17.96
CA PRO A 287 6.95 -10.71 -16.80
C PRO A 287 5.55 -10.13 -17.07
N MET A 288 5.43 -9.24 -18.05
CA MET A 288 4.15 -8.62 -18.40
C MET A 288 3.56 -9.13 -19.72
N LYS A 289 3.90 -10.36 -20.10
CA LYS A 289 3.33 -11.00 -21.29
C LYS A 289 1.79 -10.90 -21.29
N GLY A 290 1.24 -10.34 -22.37
CA GLY A 290 -0.20 -10.19 -22.51
C GLY A 290 -0.79 -8.95 -21.87
N ILE A 291 0.01 -8.23 -21.09
CA ILE A 291 -0.46 -7.04 -20.37
C ILE A 291 0.18 -5.81 -21.00
N MET A 292 1.51 -5.77 -21.02
CA MET A 292 2.23 -4.72 -21.73
C MET A 292 2.54 -5.20 -23.14
N GLY A 293 2.24 -4.33 -24.11
CA GLY A 293 2.60 -4.53 -25.52
C GLY A 293 3.30 -3.28 -26.05
N TYR A 294 3.83 -3.37 -27.27
CA TYR A 294 4.55 -2.25 -27.89
C TYR A 294 4.39 -2.27 -29.42
N THR A 295 4.66 -1.11 -30.03
CA THR A 295 4.62 -1.00 -31.49
C THR A 295 5.53 0.13 -31.92
N SER A 296 6.15 -0.02 -33.09
CA SER A 296 6.87 1.08 -33.71
C SER A 296 6.13 1.56 -34.98
N ASP A 297 4.87 1.13 -35.15
CA ASP A 297 4.12 1.39 -36.37
C ASP A 297 3.35 2.70 -36.32
N ASP A 298 2.97 3.20 -37.49
CA ASP A 298 2.17 4.44 -37.60
C ASP A 298 0.69 4.26 -37.20
N VAL A 299 0.47 3.84 -35.96
CA VAL A 299 -0.85 3.39 -35.55
C VAL A 299 -1.77 4.56 -35.18
N VAL A 300 -3.07 4.30 -35.26
CA VAL A 300 -4.10 5.21 -34.77
C VAL A 300 -5.09 4.44 -33.89
N SER A 301 -5.96 5.14 -33.17
CA SER A 301 -6.82 4.52 -32.17
C SER A 301 -7.60 3.27 -32.64
N THR A 302 -8.24 3.35 -33.81
CA THR A 302 -9.05 2.22 -34.30
C THR A 302 -8.26 0.93 -34.50
N ASP A 303 -6.94 1.06 -34.64
CA ASP A 303 -6.02 -0.07 -34.77
C ASP A 303 -5.99 -0.93 -33.50
N PHE A 304 -6.55 -0.40 -32.41
CA PHE A 304 -6.57 -1.12 -31.14
C PHE A 304 -7.96 -1.54 -30.66
N ILE A 305 -8.97 -1.40 -31.53
CA ILE A 305 -10.28 -1.97 -31.28
C ILE A 305 -10.13 -3.49 -31.19
N GLY A 306 -10.50 -4.06 -30.04
CA GLY A 306 -10.33 -5.50 -29.85
C GLY A 306 -8.99 -5.92 -29.24
N CYS A 307 -8.07 -4.98 -29.08
CA CYS A 307 -6.78 -5.33 -28.47
C CYS A 307 -6.97 -5.77 -27.02
N LYS A 308 -6.35 -6.88 -26.65
CA LYS A 308 -6.49 -7.42 -25.30
C LYS A 308 -5.41 -6.96 -24.30
N TYR A 309 -4.41 -6.22 -24.79
CA TYR A 309 -3.34 -5.68 -23.94
C TYR A 309 -3.87 -4.56 -23.01
N SER A 310 -3.20 -4.34 -21.89
CA SER A 310 -3.64 -3.28 -20.98
C SER A 310 -3.10 -1.92 -21.46
N SER A 311 -1.94 -1.99 -22.11
CA SER A 311 -1.11 -0.84 -22.42
C SER A 311 -0.26 -1.20 -23.63
N ILE A 312 -0.37 -0.39 -24.68
CA ILE A 312 0.46 -0.57 -25.88
C ILE A 312 1.32 0.67 -26.16
N PHE A 313 2.60 0.56 -25.81
CA PHE A 313 3.60 1.61 -26.00
C PHE A 313 3.81 1.97 -27.48
N ASP A 314 3.61 3.23 -27.81
CA ASP A 314 3.70 3.74 -29.18
C ASP A 314 5.04 4.44 -29.33
N LYS A 315 6.05 3.72 -29.83
CA LYS A 315 7.43 4.25 -29.87
C LYS A 315 7.54 5.60 -30.57
N ASN A 316 6.97 5.68 -31.78
CA ASN A 316 7.18 6.81 -32.67
C ASN A 316 6.27 7.99 -32.42
N ALA A 317 5.35 7.83 -31.46
CA ALA A 317 4.58 8.97 -30.94
C ALA A 317 5.21 9.66 -29.74
N CYS A 318 6.07 8.95 -29.02
CA CYS A 318 6.84 9.53 -27.92
C CYS A 318 7.79 10.63 -28.39
N ILE A 319 8.03 11.60 -27.51
CA ILE A 319 9.04 12.64 -27.75
C ILE A 319 9.80 12.98 -26.48
N ALA A 320 11.08 13.29 -26.61
CA ALA A 320 11.87 13.71 -25.47
C ALA A 320 12.31 15.16 -25.61
N LEU A 321 12.20 15.91 -24.52
CA LEU A 321 12.87 17.21 -24.44
C LEU A 321 14.39 17.04 -24.29
N ASN A 322 14.80 16.17 -23.38
CA ASN A 322 16.22 15.85 -23.12
C ASN A 322 16.27 14.47 -22.49
N ASP A 323 17.46 14.01 -22.10
CA ASP A 323 17.64 12.66 -21.54
C ASP A 323 16.83 12.38 -20.26
N SER A 324 16.24 13.43 -19.68
CA SER A 324 15.59 13.36 -18.37
C SER A 324 14.08 13.63 -18.35
N PHE A 325 13.58 14.29 -19.38
CA PHE A 325 12.23 14.81 -19.36
C PHE A 325 11.56 14.31 -20.61
N VAL A 326 10.52 13.50 -20.46
CA VAL A 326 10.01 12.74 -21.60
C VAL A 326 8.50 12.69 -21.64
N LYS A 327 7.96 12.51 -22.84
CA LYS A 327 6.54 12.35 -23.04
C LYS A 327 6.29 11.01 -23.70
N LEU A 328 5.64 10.12 -22.96
CA LEU A 328 5.38 8.77 -23.43
C LEU A 328 3.89 8.54 -23.72
N ILE A 329 3.66 7.79 -24.79
CA ILE A 329 2.32 7.57 -25.34
C ILE A 329 2.01 6.07 -25.27
N SER A 330 0.92 5.72 -24.60
CA SER A 330 0.43 4.33 -24.57
C SER A 330 -1.08 4.22 -24.80
N TRP A 331 -1.43 3.30 -25.70
CA TRP A 331 -2.80 3.06 -26.14
C TRP A 331 -3.50 2.08 -25.22
N TYR A 332 -4.83 2.15 -25.18
CA TYR A 332 -5.64 1.09 -24.59
C TYR A 332 -7.04 1.06 -25.16
N ASP A 333 -7.53 -0.14 -25.40
CA ASP A 333 -8.95 -0.32 -25.68
C ASP A 333 -9.64 -0.34 -24.34
N ASN A 334 -10.22 0.80 -23.98
CA ASN A 334 -10.81 0.98 -22.67
C ASN A 334 -11.96 0.02 -22.37
N GLU A 335 -12.65 -0.43 -23.42
CA GLU A 335 -13.72 -1.40 -23.25
C GLU A 335 -13.14 -2.80 -23.17
N SER A 336 -12.42 -3.20 -24.22
CA SER A 336 -12.08 -4.60 -24.43
C SER A 336 -10.88 -5.06 -23.60
N GLY A 337 -9.86 -4.21 -23.51
CA GLY A 337 -8.64 -4.54 -22.76
C GLY A 337 -8.95 -4.69 -21.29
N TYR A 338 -9.74 -3.75 -20.78
CA TYR A 338 -10.11 -3.75 -19.37
C TYR A 338 -10.97 -4.96 -19.01
N SER A 339 -11.89 -5.30 -19.89
CA SER A 339 -12.81 -6.42 -19.67
C SER A 339 -12.07 -7.75 -19.61
N ASN A 340 -11.12 -7.96 -20.52
CA ASN A 340 -10.18 -9.08 -20.43
C ASN A 340 -9.39 -9.12 -19.11
N ARG A 341 -8.92 -7.97 -18.65
CA ARG A 341 -8.20 -7.91 -17.38
C ARG A 341 -9.10 -8.30 -16.21
N LEU A 342 -10.36 -7.88 -16.26
CA LEU A 342 -11.32 -8.24 -15.22
C LEU A 342 -11.54 -9.75 -15.21
N VAL A 343 -11.56 -10.34 -16.41
CA VAL A 343 -11.67 -11.80 -16.51
C VAL A 343 -10.40 -12.48 -16.03
N ASP A 344 -9.25 -11.93 -16.40
CA ASP A 344 -7.97 -12.42 -15.88
C ASP A 344 -7.93 -12.41 -14.36
N LEU A 345 -8.48 -11.35 -13.77
CA LEU A 345 -8.43 -11.15 -12.33
C LEU A 345 -9.34 -12.14 -11.62
N ALA A 346 -10.52 -12.37 -12.20
CA ALA A 346 -11.49 -13.34 -11.70
C ALA A 346 -10.94 -14.76 -11.77
N VAL A 347 -10.25 -15.08 -12.87
CA VAL A 347 -9.58 -16.38 -12.99
C VAL A 347 -8.45 -16.47 -11.97
N TYR A 348 -7.72 -15.37 -11.78
CA TYR A 348 -6.68 -15.32 -10.74
C TYR A 348 -7.27 -15.51 -9.34
N VAL A 349 -8.35 -14.78 -9.02
CA VAL A 349 -9.01 -14.89 -7.71
C VAL A 349 -9.49 -16.32 -7.40
N ALA A 350 -10.08 -16.98 -8.40
CA ALA A 350 -10.55 -18.36 -8.25
C ALA A 350 -9.42 -19.35 -7.95
N SER A 351 -8.28 -19.15 -8.60
CA SER A 351 -7.10 -20.01 -8.40
C SER A 351 -6.49 -19.86 -7.00
N ARG A 352 -6.83 -18.78 -6.31
CA ARG A 352 -6.28 -18.51 -4.98
C ARG A 352 -7.09 -19.13 -3.83
N GLY A 353 -8.29 -19.62 -4.14
CA GLY A 353 -9.16 -20.23 -3.13
C GLY A 353 -10.40 -19.39 -2.87
N LEU A 354 -11.55 -19.98 -3.19
CA LEU A 354 -12.87 -19.34 -3.08
C LEU A 354 -13.08 -18.07 -3.92
N GLY B 18 22.85 -14.52 10.67
CA GLY B 18 22.53 -13.06 10.54
C GLY B 18 23.44 -12.16 11.35
N THR B 19 24.02 -11.15 10.70
CA THR B 19 24.90 -10.18 11.38
C THR B 19 24.40 -8.76 11.20
N LEU B 20 24.68 -7.90 12.18
CA LEU B 20 24.15 -6.56 12.23
C LEU B 20 25.25 -5.52 12.41
N GLY B 21 25.18 -4.46 11.61
CA GLY B 21 26.04 -3.29 11.79
C GLY B 21 25.21 -2.10 12.27
N ILE B 22 25.76 -1.31 13.17
CA ILE B 22 24.98 -0.21 13.74
C ILE B 22 25.56 1.15 13.36
N ASN B 23 24.78 1.92 12.60
CA ASN B 23 25.17 3.31 12.29
C ASN B 23 24.47 4.27 13.23
N GLY B 24 25.26 4.93 14.07
CA GLY B 24 24.72 5.84 15.06
C GLY B 24 24.47 5.10 16.35
N PHE B 25 25.44 5.21 17.27
CA PHE B 25 25.38 4.48 18.52
C PHE B 25 24.68 5.34 19.56
N GLY B 26 23.46 5.74 19.25
CA GLY B 26 22.66 6.60 20.12
C GLY B 26 21.72 5.81 21.01
N ARG B 27 20.57 6.38 21.32
CA ARG B 27 19.62 5.71 22.21
C ARG B 27 19.17 4.38 21.61
N ILE B 28 18.75 4.46 20.35
CA ILE B 28 18.27 3.29 19.61
C ILE B 28 19.40 2.33 19.25
N GLY B 29 20.51 2.87 18.77
CA GLY B 29 21.67 2.04 18.38
C GLY B 29 22.30 1.25 19.52
N ARG B 30 22.37 1.87 20.70
CA ARG B 30 22.90 1.18 21.89
C ARG B 30 21.91 0.13 22.43
N LEU B 31 20.63 0.46 22.41
CA LEU B 31 19.60 -0.45 22.92
C LEU B 31 19.31 -1.62 21.96
N VAL B 32 19.46 -1.35 20.66
CA VAL B 32 19.51 -2.38 19.62
C VAL B 32 20.66 -3.36 19.88
N LEU B 33 21.86 -2.83 20.17
CA LEU B 33 23.01 -3.67 20.56
C LEU B 33 22.71 -4.49 21.82
N ARG B 34 22.18 -3.83 22.86
CA ARG B 34 21.80 -4.52 24.10
C ARG B 34 20.80 -5.64 23.87
N ALA B 35 19.90 -5.45 22.91
CA ALA B 35 18.87 -6.44 22.58
C ALA B 35 19.46 -7.65 21.87
N CYS B 36 20.40 -7.40 20.97
CA CYS B 36 21.10 -8.47 20.25
C CYS B 36 21.95 -9.37 21.15
N MET B 37 22.60 -8.77 22.15
CA MET B 37 23.40 -9.51 23.12
C MET B 37 22.55 -10.46 23.98
N GLU B 38 21.26 -10.15 24.10
CA GLU B 38 20.29 -10.99 24.79
C GLU B 38 19.86 -12.21 23.95
N ARG B 39 20.36 -12.29 22.71
CA ARG B 39 19.86 -13.22 21.71
C ARG B 39 20.96 -14.06 21.05
N ASN B 40 20.58 -15.21 20.49
CA ASN B 40 21.55 -16.09 19.84
C ASN B 40 21.23 -16.37 18.36
N ASP B 41 20.35 -15.55 17.79
CA ASP B 41 19.98 -15.70 16.38
C ASP B 41 20.35 -14.48 15.53
N ILE B 42 21.11 -13.58 16.13
CA ILE B 42 21.69 -12.42 15.47
C ILE B 42 22.87 -11.88 16.29
N THR B 43 23.89 -11.39 15.60
CA THR B 43 25.11 -10.90 16.24
C THR B 43 25.47 -9.50 15.73
N VAL B 44 25.77 -8.58 16.64
CA VAL B 44 26.33 -7.30 16.24
C VAL B 44 27.84 -7.44 15.97
N VAL B 45 28.29 -6.97 14.81
CA VAL B 45 29.70 -7.09 14.44
C VAL B 45 30.42 -5.74 14.23
N ALA B 46 29.67 -4.67 14.02
CA ALA B 46 30.30 -3.37 13.72
C ALA B 46 29.48 -2.17 14.20
N ILE B 47 30.16 -1.15 14.74
CA ILE B 47 29.50 0.13 15.10
C ILE B 47 30.20 1.33 14.45
N ASN B 48 29.41 2.24 13.87
CA ASN B 48 29.94 3.52 13.42
C ASN B 48 29.27 4.74 14.08
N ASP B 49 30.06 5.61 14.71
CA ASP B 49 29.54 6.86 15.30
C ASP B 49 30.66 7.88 15.41
N PRO B 50 30.72 8.82 14.45
CA PRO B 50 31.82 9.79 14.33
C PRO B 50 31.99 10.72 15.53
N PHE B 51 30.98 10.78 16.38
CA PHE B 51 30.98 11.69 17.53
C PHE B 51 31.37 11.02 18.85
N MET B 52 31.94 9.81 18.77
CA MET B 52 32.42 9.08 19.94
C MET B 52 33.46 8.01 19.57
N ASP B 53 34.62 8.05 20.23
CA ASP B 53 35.65 7.05 20.02
C ASP B 53 35.31 5.72 20.71
N VAL B 54 36.18 4.72 20.54
CA VAL B 54 36.01 3.40 21.17
C VAL B 54 35.75 3.46 22.68
N GLU B 55 36.61 4.21 23.38
CA GLU B 55 36.51 4.40 24.84
C GLU B 55 35.14 5.00 25.23
N TYR B 56 34.72 6.02 24.48
CA TYR B 56 33.40 6.64 24.71
C TYR B 56 32.25 5.64 24.50
N MET B 57 32.29 4.93 23.38
CA MET B 57 31.31 3.88 23.08
C MET B 57 31.18 2.86 24.21
N ALA B 58 32.33 2.31 24.64
CA ALA B 58 32.40 1.36 25.76
C ALA B 58 31.62 1.88 26.95
N TYR B 59 31.79 3.18 27.23
CA TYR B 59 31.23 3.89 28.39
C TYR B 59 29.72 4.14 28.31
N LEU B 60 29.26 4.64 27.16
CA LEU B 60 27.83 4.87 26.97
C LEU B 60 27.07 3.55 26.83
N LEU B 61 27.77 2.51 26.42
CA LEU B 61 27.20 1.16 26.43
C LEU B 61 27.09 0.62 27.85
N LYS B 62 28.18 0.75 28.61
CA LYS B 62 28.28 0.16 29.94
C LYS B 62 27.25 0.79 30.86
N TYR B 63 27.11 2.09 30.74
CA TYR B 63 26.30 2.89 31.68
C TYR B 63 25.06 3.50 31.00
N ASP B 64 23.90 3.36 31.62
CA ASP B 64 22.63 3.86 31.05
C ASP B 64 21.75 4.40 32.15
N SER B 65 21.40 5.68 32.03
CA SER B 65 20.55 6.39 33.01
C SER B 65 19.12 5.85 33.16
N VAL B 66 18.64 5.14 32.16
CA VAL B 66 17.29 4.58 32.16
C VAL B 66 17.32 3.06 32.33
N HIS B 67 18.21 2.40 31.58
CA HIS B 67 18.17 0.93 31.46
C HIS B 67 19.27 0.17 32.22
N GLY B 68 19.96 0.88 33.12
CA GLY B 68 20.91 0.28 34.03
C GLY B 68 22.22 -0.12 33.40
N ASN B 69 23.13 -0.63 34.23
CA ASN B 69 24.42 -1.15 33.81
C ASN B 69 24.27 -2.25 32.77
N PHE B 70 25.17 -2.26 31.79
CA PHE B 70 25.20 -3.32 30.79
C PHE B 70 25.32 -4.68 31.50
N ASN B 71 24.51 -5.64 31.07
CA ASN B 71 24.57 -6.99 31.62
C ASN B 71 25.60 -7.88 30.89
N GLY B 72 26.87 -7.73 31.27
CA GLY B 72 27.98 -8.44 30.63
C GLY B 72 29.26 -7.65 30.72
N THR B 73 30.21 -7.95 29.85
CA THR B 73 31.48 -7.21 29.82
C THR B 73 31.69 -6.41 28.54
N VAL B 74 32.23 -5.21 28.70
CA VAL B 74 32.67 -4.38 27.59
C VAL B 74 34.11 -3.96 27.85
N GLU B 75 34.99 -4.26 26.88
CA GLU B 75 36.41 -3.94 27.01
C GLU B 75 36.91 -3.36 25.69
N VAL B 76 37.72 -2.32 25.78
CA VAL B 76 38.42 -1.77 24.62
C VAL B 76 39.60 -2.67 24.26
N SER B 77 39.75 -2.96 22.96
CA SER B 77 40.95 -3.65 22.46
C SER B 77 41.69 -2.74 21.49
N LYS B 79 41.48 -0.28 19.80
CA LYS B 79 40.87 -0.14 18.48
C LYS B 79 39.42 -0.61 18.43
N ASP B 80 39.20 -1.88 18.77
CA ASP B 80 37.86 -2.46 18.66
C ASP B 80 37.22 -2.69 20.03
N LEU B 81 35.94 -3.08 20.04
CA LEU B 81 35.25 -3.40 21.29
C LEU B 81 35.28 -4.92 21.52
N CYS B 82 35.34 -5.32 22.77
CA CYS B 82 35.12 -6.72 23.12
C CYS B 82 33.95 -6.81 24.08
N ILE B 83 32.83 -7.32 23.57
CA ILE B 83 31.56 -7.33 24.30
C ILE B 83 31.12 -8.78 24.56
N ASN B 84 31.22 -9.19 25.82
CA ASN B 84 31.01 -10.59 26.22
C ASN B 84 31.91 -11.57 25.44
N GLY B 85 33.17 -11.19 25.27
CA GLY B 85 34.14 -12.04 24.57
C GLY B 85 34.10 -12.00 23.05
N LYS B 86 33.11 -11.28 22.51
CA LYS B 86 32.93 -11.15 21.06
C LYS B 86 33.46 -9.81 20.58
N VAL B 87 34.30 -9.85 19.55
CA VAL B 87 34.92 -8.64 19.02
C VAL B 87 33.95 -7.86 18.11
N VAL B 88 33.81 -6.58 18.41
CA VAL B 88 32.94 -5.69 17.64
C VAL B 88 33.78 -4.57 17.03
N LYS B 89 33.80 -4.50 15.71
CA LYS B 89 34.62 -3.51 15.00
C LYS B 89 34.03 -2.11 15.10
N VAL B 90 34.89 -1.11 15.22
CA VAL B 90 34.46 0.25 15.49
C VAL B 90 34.98 1.22 14.44
N PHE B 91 34.08 2.06 13.93
CA PHE B 91 34.40 3.07 12.92
C PHE B 91 33.91 4.46 13.33
N GLN B 92 34.51 5.50 12.75
CA GLN B 92 34.18 6.90 13.09
C GLN B 92 33.82 7.76 11.87
N ALA B 93 33.18 7.13 10.89
CA ALA B 93 32.96 7.77 9.59
C ALA B 93 31.68 8.63 9.56
N LYS B 94 31.79 9.81 8.95
CA LYS B 94 30.63 10.67 8.74
C LYS B 94 29.79 10.23 7.54
N ASP B 95 30.46 9.73 6.50
CA ASP B 95 29.82 9.32 5.25
C ASP B 95 29.58 7.81 5.28
N PRO B 96 28.29 7.39 5.24
CA PRO B 96 27.93 5.97 5.29
C PRO B 96 28.67 5.15 4.23
N ALA B 97 28.99 5.80 3.11
CA ALA B 97 29.65 5.20 1.96
C ALA B 97 31.07 4.71 2.23
N GLU B 98 31.62 5.07 3.38
CA GLU B 98 33.02 4.80 3.65
C GLU B 98 33.24 3.77 4.76
N ILE B 99 32.14 3.30 5.34
CA ILE B 99 32.17 2.29 6.39
C ILE B 99 32.33 0.91 5.78
N PRO B 100 33.36 0.16 6.19
CA PRO B 100 33.58 -1.14 5.58
C PRO B 100 32.69 -2.23 6.20
N TRP B 101 31.38 -2.14 5.96
CA TRP B 101 30.41 -3.13 6.43
C TRP B 101 30.76 -4.53 5.94
N GLY B 102 31.00 -4.64 4.63
CA GLY B 102 31.39 -5.92 4.02
C GLY B 102 32.65 -6.51 4.61
N ALA B 103 33.66 -5.66 4.82
CA ALA B 103 34.93 -6.08 5.40
C ALA B 103 34.78 -6.52 6.87
N SER B 104 33.82 -5.92 7.56
CA SER B 104 33.52 -6.24 8.96
C SER B 104 32.57 -7.44 9.07
N GLY B 105 31.94 -7.78 7.94
CA GLY B 105 31.06 -8.96 7.86
C GLY B 105 29.61 -8.68 8.23
N ALA B 106 29.24 -7.39 8.24
CA ALA B 106 27.92 -6.92 8.62
C ALA B 106 26.91 -6.90 7.45
N GLN B 107 25.93 -7.80 7.52
CA GLN B 107 24.97 -8.03 6.43
C GLN B 107 23.88 -6.98 6.37
N ILE B 108 23.30 -6.73 7.53
CA ILE B 108 22.22 -5.78 7.67
C ILE B 108 22.77 -4.61 8.46
N VAL B 109 22.34 -3.40 8.09
CA VAL B 109 22.69 -2.18 8.82
C VAL B 109 21.45 -1.60 9.50
N CYS B 110 21.61 -1.30 10.78
CA CYS B 110 20.68 -0.48 11.57
C CYS B 110 21.06 0.99 11.40
N GLU B 111 20.21 1.73 10.67
CA GLU B 111 20.41 3.15 10.41
C GLU B 111 19.74 3.99 11.51
N SER B 112 20.50 4.28 12.55
CA SER B 112 19.95 4.97 13.73
C SER B 112 20.68 6.28 14.05
N THR B 113 21.08 7.01 13.01
CA THR B 113 21.66 8.35 13.17
C THR B 113 20.59 9.42 13.22
N GLY B 114 19.49 9.16 12.51
CA GLY B 114 18.42 10.12 12.37
C GLY B 114 18.63 11.11 11.23
N VAL B 115 19.70 10.91 10.45
CA VAL B 115 20.03 11.88 9.40
C VAL B 115 20.15 11.31 7.99
N PHE B 116 19.93 10.00 7.85
CA PHE B 116 19.99 9.32 6.55
C PHE B 116 18.68 8.56 6.26
N THR B 117 17.56 9.28 6.27
CA THR B 117 16.23 8.64 6.30
C THR B 117 15.54 8.51 4.94
N THR B 118 16.33 8.35 3.89
CA THR B 118 15.80 8.15 2.55
C THR B 118 16.56 7.01 1.90
N GLU B 119 15.96 6.45 0.86
CA GLU B 119 16.62 5.43 0.08
C GLU B 119 17.94 5.99 -0.44
N GLU B 120 17.91 7.24 -0.92
CA GLU B 120 19.11 7.87 -1.50
C GLU B 120 20.28 7.86 -0.52
N LYS B 121 19.99 8.22 0.73
CA LYS B 121 21.03 8.35 1.75
C LYS B 121 21.37 6.99 2.35
N ALA B 122 20.34 6.24 2.75
CA ALA B 122 20.52 4.92 3.37
C ALA B 122 21.15 3.85 2.45
N SER B 123 20.93 4.00 1.14
CA SER B 123 21.54 3.07 0.12
C SER B 123 23.06 3.12 0.10
N LEU B 124 23.63 4.21 0.61
CA LEU B 124 25.08 4.41 0.55
C LEU B 124 25.84 3.45 1.47
N HIS B 125 25.13 2.85 2.43
CA HIS B 125 25.65 1.75 3.25
C HIS B 125 25.96 0.53 2.36
N LEU B 126 25.16 0.35 1.30
CA LEU B 126 25.35 -0.75 0.35
C LEU B 126 26.64 -0.64 -0.48
N LYS B 127 27.20 0.57 -0.56
CA LYS B 127 28.46 0.79 -1.27
C LYS B 127 29.64 0.18 -0.50
N GLY B 128 29.48 0.10 0.82
CA GLY B 128 30.49 -0.50 1.70
C GLY B 128 30.38 -2.02 1.87
N GLY B 129 29.37 -2.62 1.24
CA GLY B 129 29.24 -4.07 1.22
C GLY B 129 28.14 -4.66 2.07
N ALA B 130 27.31 -3.79 2.66
CA ALA B 130 26.12 -4.25 3.40
C ALA B 130 25.08 -4.73 2.40
N LYS B 131 24.22 -5.64 2.84
CA LYS B 131 23.19 -6.22 1.96
C LYS B 131 21.83 -5.57 2.14
N LYS B 132 21.50 -5.24 3.38
CA LYS B 132 20.22 -4.58 3.68
C LYS B 132 20.41 -3.43 4.66
N VAL B 133 19.47 -2.50 4.64
CA VAL B 133 19.46 -1.41 5.61
C VAL B 133 18.05 -1.23 6.19
N ILE B 134 17.98 -1.25 7.52
CA ILE B 134 16.75 -0.85 8.20
C ILE B 134 16.95 0.58 8.74
N ILE B 135 16.17 1.51 8.22
CA ILE B 135 16.15 2.87 8.76
C ILE B 135 15.29 2.82 10.02
N SER B 136 15.82 3.36 11.11
CA SER B 136 15.16 3.28 12.41
C SER B 136 14.25 4.47 12.62
N ALA B 137 13.54 4.85 11.57
CA ALA B 137 12.72 6.04 11.58
C ALA B 137 11.76 5.96 10.38
N PRO B 138 10.64 6.70 10.46
CA PRO B 138 9.79 6.84 9.27
C PRO B 138 10.62 7.57 8.21
N PRO B 139 10.63 7.06 6.95
CA PRO B 139 11.47 7.70 5.94
C PRO B 139 10.93 9.04 5.44
N LYS B 140 11.81 9.88 4.90
CA LYS B 140 11.38 11.13 4.29
C LYS B 140 10.87 10.95 2.84
N ASP B 141 11.17 9.79 2.25
CA ASP B 141 10.66 9.43 0.92
C ASP B 141 9.67 8.26 1.03
N ASN B 142 9.58 7.44 -0.02
CA ASN B 142 8.64 6.32 -0.05
C ASN B 142 9.27 4.97 0.27
N VAL B 143 10.32 5.00 1.09
CA VAL B 143 10.85 3.76 1.63
C VAL B 143 9.72 3.04 2.35
N PRO B 144 9.50 1.75 2.03
CA PRO B 144 8.42 1.00 2.66
C PRO B 144 8.65 0.86 4.17
N MET B 145 7.59 1.06 4.95
CA MET B 145 7.63 0.91 6.39
C MET B 145 7.04 -0.44 6.78
N TYR B 146 7.68 -1.10 7.74
CA TYR B 146 7.19 -2.38 8.25
C TYR B 146 7.04 -2.37 9.75
N VAL B 147 5.93 -2.93 10.21
CA VAL B 147 5.65 -3.10 11.62
C VAL B 147 5.48 -4.60 11.82
N MET B 148 6.35 -5.19 12.64
CA MET B 148 6.28 -6.61 12.98
C MET B 148 4.94 -6.95 13.59
N GLY B 149 4.36 -8.05 13.15
CA GLY B 149 3.04 -8.45 13.62
C GLY B 149 1.88 -7.76 12.92
N VAL B 150 2.19 -6.79 12.04
CA VAL B 150 1.19 -6.06 11.27
C VAL B 150 1.34 -6.28 9.75
N ASN B 151 2.49 -5.89 9.20
CA ASN B 151 2.66 -5.99 7.74
C ASN B 151 4.01 -6.52 7.28
N ASN B 152 4.84 -6.99 8.22
CA ASN B 152 6.24 -7.31 7.88
C ASN B 152 6.41 -8.41 6.84
N THR B 153 5.43 -9.30 6.72
CA THR B 153 5.49 -10.40 5.75
C THR B 153 5.27 -9.90 4.32
N GLU B 154 4.83 -8.65 4.17
CA GLU B 154 4.69 -8.02 2.85
C GLU B 154 6.06 -7.65 2.24
N TYR B 155 7.10 -7.69 3.07
CA TYR B 155 8.47 -7.46 2.61
C TYR B 155 8.90 -8.48 1.54
N ASP B 156 9.41 -7.97 0.43
CA ASP B 156 9.93 -8.82 -0.65
C ASP B 156 11.42 -8.53 -0.85
N PRO B 157 12.29 -9.49 -0.48
CA PRO B 157 13.75 -9.33 -0.55
C PRO B 157 14.24 -9.00 -1.96
N SER B 158 13.47 -9.38 -2.98
CA SER B 158 13.87 -9.18 -4.36
C SER B 158 13.48 -7.80 -4.89
N LYS B 159 12.76 -7.05 -4.07
CA LYS B 159 12.25 -5.73 -4.44
C LYS B 159 12.89 -4.57 -3.65
N PHE B 160 13.21 -4.80 -2.38
CA PHE B 160 13.78 -3.74 -1.52
C PHE B 160 15.05 -4.13 -0.77
N ASN B 161 15.99 -3.19 -0.68
CA ASN B 161 17.22 -3.34 0.12
C ASN B 161 17.30 -2.34 1.25
N VAL B 162 16.50 -1.27 1.13
CA VAL B 162 16.37 -0.29 2.18
C VAL B 162 14.89 -0.29 2.61
N ILE B 163 14.68 -0.49 3.91
CA ILE B 163 13.34 -0.62 4.48
C ILE B 163 13.34 0.18 5.78
N SER B 164 12.15 0.51 6.27
CA SER B 164 12.03 1.27 7.50
C SER B 164 11.26 0.48 8.55
N ASN B 165 11.65 0.65 9.82
CA ASN B 165 10.94 0.03 10.95
C ASN B 165 9.93 0.98 11.53
N ALA B 166 9.63 2.04 10.77
CA ALA B 166 8.69 3.08 11.18
C ALA B 166 9.18 3.76 12.45
N SER B 167 8.27 4.27 13.26
CA SER B 167 8.66 4.89 14.51
C SER B 167 8.19 4.06 15.68
N CYS B 168 8.56 4.52 16.88
CA CYS B 168 8.12 3.95 18.13
C CYS B 168 6.59 4.11 18.24
N THR B 169 6.10 5.32 17.95
CA THR B 169 4.68 5.61 17.98
C THR B 169 3.88 4.78 16.95
N THR B 170 4.43 4.60 15.75
CA THR B 170 3.72 3.79 14.77
C THR B 170 3.67 2.31 15.17
N ASN B 171 4.74 1.81 15.80
CA ASN B 171 4.76 0.44 16.31
C ASN B 171 3.81 0.25 17.50
N CYS B 172 3.51 1.33 18.22
CA CYS B 172 2.49 1.26 19.26
C CYS B 172 1.08 1.30 18.66
N LEU B 173 0.84 2.26 17.77
CA LEU B 173 -0.51 2.45 17.24
C LEU B 173 -0.95 1.39 16.23
N ALA B 174 -0.06 0.99 15.33
CA ALA B 174 -0.43 0.09 14.25
C ALA B 174 -1.04 -1.27 14.69
N PRO B 175 -0.40 -1.97 15.65
CA PRO B 175 -1.02 -3.22 16.11
C PRO B 175 -2.41 -3.02 16.72
N LEU B 176 -2.57 -1.99 17.55
CA LEU B 176 -3.89 -1.67 18.11
C LEU B 176 -4.93 -1.36 17.03
N ALA B 177 -4.58 -0.50 16.09
CA ALA B 177 -5.48 -0.14 14.98
C ALA B 177 -5.86 -1.35 14.12
N LYS B 178 -4.91 -2.22 13.81
CA LYS B 178 -5.23 -3.43 13.09
C LYS B 178 -6.28 -4.24 13.85
N ILE B 179 -6.02 -4.51 15.14
CA ILE B 179 -6.97 -5.27 15.98
C ILE B 179 -8.36 -4.60 15.95
N ILE B 180 -8.35 -3.29 16.11
CA ILE B 180 -9.59 -2.54 16.23
C ILE B 180 -10.32 -2.46 14.89
N ASN B 181 -9.58 -2.20 13.83
CA ASN B 181 -10.17 -2.13 12.49
C ASN B 181 -10.77 -3.46 12.03
N ASP B 182 -10.04 -4.55 12.27
CA ASP B 182 -10.51 -5.88 11.86
C ASP B 182 -11.85 -6.30 12.46
N LYS B 183 -11.99 -6.12 13.77
CA LYS B 183 -13.12 -6.57 14.57
C LYS B 183 -14.33 -5.64 14.47
N PHE B 184 -14.07 -4.34 14.53
CA PHE B 184 -15.13 -3.35 14.60
C PHE B 184 -15.16 -2.40 13.39
N GLY B 185 -14.01 -2.20 12.75
CA GLY B 185 -13.84 -1.18 11.72
C GLY B 185 -13.64 0.23 12.27
N ILE B 186 -12.52 0.86 11.91
CA ILE B 186 -12.30 2.26 12.26
C ILE B 186 -12.86 3.19 11.17
N VAL B 187 -13.84 4.00 11.54
CA VAL B 187 -14.44 5.01 10.63
C VAL B 187 -13.46 6.17 10.48
N GLU B 188 -13.05 6.74 11.61
CA GLU B 188 -12.08 7.82 11.65
C GLU B 188 -11.43 7.81 13.03
N GLY B 189 -10.18 8.24 13.11
CA GLY B 189 -9.40 8.20 14.34
C GLY B 189 -8.42 9.37 14.45
N LEU B 190 -8.29 9.92 15.66
CA LEU B 190 -7.35 10.99 15.93
C LEU B 190 -6.53 10.64 17.16
N MET B 191 -5.20 10.70 17.00
CA MET B 191 -4.27 10.26 18.04
C MET B 191 -3.47 11.40 18.66
N THR B 192 -3.30 11.31 19.97
CA THR B 192 -2.25 12.06 20.64
C THR B 192 -1.32 11.03 21.26
N THR B 193 -0.02 11.27 21.15
CA THR B 193 0.94 10.56 21.97
C THR B 193 1.60 11.48 23.00
N VAL B 194 1.50 11.10 24.26
CA VAL B 194 2.22 11.77 25.33
C VAL B 194 3.55 11.05 25.41
N HIS B 195 4.62 11.78 25.16
CA HIS B 195 5.89 11.15 24.79
C HIS B 195 7.05 11.64 25.63
N SER B 196 7.85 10.69 26.13
CA SER B 196 9.02 11.04 26.92
C SER B 196 9.98 11.88 26.10
N LEU B 197 10.84 12.64 26.77
CA LEU B 197 11.74 13.51 26.03
C LEU B 197 12.78 12.71 25.22
N THR B 198 13.35 13.35 24.19
CA THR B 198 14.31 12.66 23.32
C THR B 198 15.54 13.53 23.10
N ALA B 199 16.46 13.00 22.30
CA ALA B 199 17.78 13.58 22.09
C ALA B 199 17.76 14.89 21.34
N ASN B 200 16.71 15.14 20.56
CA ASN B 200 16.65 16.39 19.82
C ASN B 200 15.97 17.51 20.60
N GLN B 201 15.66 17.26 21.87
CA GLN B 201 15.19 18.30 22.79
C GLN B 201 16.37 19.00 23.48
N LEU B 202 16.08 20.07 24.22
CA LEU B 202 17.15 20.83 24.88
C LEU B 202 16.93 20.99 26.36
N THR B 203 18.04 21.04 27.10
CA THR B 203 17.95 21.20 28.56
C THR B 203 17.50 22.59 28.99
N VAL B 204 17.85 23.60 28.20
CA VAL B 204 17.42 24.98 28.45
C VAL B 204 16.94 25.61 27.13
N ASP B 205 16.17 26.70 27.20
CA ASP B 205 15.68 27.38 25.99
C ASP B 205 16.85 27.77 25.10
N GLY B 206 16.91 27.17 23.91
CA GLY B 206 17.86 27.54 22.87
C GLY B 206 17.26 27.31 21.48
N PRO B 207 18.07 27.47 20.42
CA PRO B 207 17.60 27.17 19.07
C PRO B 207 17.68 25.68 18.73
N SER B 208 16.61 25.16 18.14
CA SER B 208 16.64 23.81 17.61
C SER B 208 17.45 23.77 16.31
N LYS B 209 18.00 22.60 15.99
CA LYS B 209 18.42 22.27 14.63
C LYS B 209 19.27 23.32 13.92
N ASP B 213 11.32 23.42 14.41
CA ASP B 213 10.55 22.99 15.58
C ASP B 213 10.98 23.82 16.78
N TRP B 214 10.52 25.06 16.83
CA TRP B 214 10.80 26.00 17.93
C TRP B 214 10.42 25.48 19.32
N ARG B 215 9.21 24.93 19.43
CA ARG B 215 8.76 24.31 20.68
C ARG B 215 9.75 23.28 21.22
N ALA B 216 10.32 22.47 20.35
CA ALA B 216 11.28 21.42 20.76
C ALA B 216 12.59 21.92 21.35
N GLY B 217 12.90 23.20 21.14
CA GLY B 217 14.06 23.82 21.77
C GLY B 217 13.78 24.53 23.07
N ARG B 218 12.57 24.37 23.59
CA ARG B 218 12.26 24.94 24.90
C ARG B 218 12.67 23.99 26.03
N CYS B 219 13.11 24.55 27.16
CA CYS B 219 13.57 23.79 28.32
C CYS B 219 12.75 22.49 28.52
N ALA B 220 13.38 21.34 28.29
CA ALA B 220 12.66 20.04 28.27
C ALA B 220 12.12 19.59 29.62
N GLY B 221 12.81 19.96 30.70
CA GLY B 221 12.51 19.42 32.04
C GLY B 221 11.39 20.10 32.80
N ASN B 222 10.92 21.25 32.32
CA ASN B 222 9.84 21.95 33.01
C ASN B 222 8.64 22.29 32.11
N ASN B 223 8.67 21.78 30.88
CA ASN B 223 7.63 22.07 29.87
C ASN B 223 6.77 20.91 29.40
N ILE B 224 5.51 21.24 29.11
CA ILE B 224 4.62 20.42 28.29
C ILE B 224 4.66 21.04 26.89
N ILE B 225 5.07 20.24 25.91
CA ILE B 225 5.46 20.76 24.60
C ILE B 225 4.66 20.08 23.47
N PRO B 226 3.75 20.81 22.81
CA PRO B 226 3.12 20.25 21.62
C PRO B 226 4.16 19.97 20.53
N ALA B 227 3.91 18.93 19.77
CA ALA B 227 4.83 18.49 18.71
C ALA B 227 4.03 17.88 17.57
N SER B 228 4.64 17.83 16.39
CA SER B 228 4.03 17.16 15.24
C SER B 228 4.58 15.75 15.13
N THR B 229 3.75 14.82 14.66
CA THR B 229 4.23 13.50 14.28
C THR B 229 3.43 12.95 13.12
N GLY B 230 4.09 12.18 12.26
CA GLY B 230 3.40 11.57 11.14
C GLY B 230 2.98 10.15 11.44
N ALA B 231 3.17 9.70 12.68
CA ALA B 231 2.91 8.31 13.08
C ALA B 231 1.53 7.74 12.74
N ALA B 232 0.47 8.50 12.98
CA ALA B 232 -0.90 8.00 12.77
C ALA B 232 -1.30 7.95 11.31
N LYS B 233 -0.87 8.96 10.55
CA LYS B 233 -0.95 8.97 9.10
C LYS B 233 -0.11 7.83 8.52
N ALA B 234 1.03 7.54 9.17
CA ALA B 234 1.87 6.40 8.77
C ALA B 234 1.17 5.03 8.86
N VAL B 235 0.23 4.90 9.81
CA VAL B 235 -0.57 3.68 9.96
C VAL B 235 -1.39 3.45 8.69
N GLY B 236 -1.80 4.54 8.03
CA GLY B 236 -2.46 4.49 6.71
C GLY B 236 -1.65 3.92 5.55
N LYS B 237 -0.32 3.92 5.68
CA LYS B 237 0.55 3.25 4.70
C LYS B 237 0.77 1.79 5.09
N VAL B 238 1.00 1.56 6.38
CA VAL B 238 1.26 0.23 6.90
C VAL B 238 0.04 -0.67 6.73
N ILE B 239 -1.14 -0.08 6.94
CA ILE B 239 -2.42 -0.74 6.72
C ILE B 239 -3.22 0.13 5.74
N PRO B 240 -3.06 -0.10 4.42
CA PRO B 240 -3.77 0.77 3.44
C PRO B 240 -5.30 0.95 3.64
N ALA B 241 -5.97 0.01 4.31
CA ALA B 241 -7.39 0.13 4.62
C ALA B 241 -7.70 1.40 5.44
N LEU B 242 -6.67 1.91 6.12
CA LEU B 242 -6.81 3.06 7.02
C LEU B 242 -6.29 4.36 6.42
N ASN B 243 -5.93 4.32 5.14
CA ASN B 243 -5.51 5.52 4.43
C ASN B 243 -6.56 6.60 4.53
N GLY B 244 -6.17 7.72 5.17
CA GLY B 244 -7.01 8.91 5.27
C GLY B 244 -7.96 8.89 6.45
N LYS B 245 -7.91 7.84 7.28
CA LYS B 245 -8.86 7.66 8.38
C LYS B 245 -8.26 8.01 9.74
N LEU B 246 -6.95 8.29 9.75
CA LEU B 246 -6.20 8.52 10.97
C LEU B 246 -5.21 9.64 10.82
N THR B 247 -5.12 10.49 11.83
CA THR B 247 -3.98 11.40 11.97
C THR B 247 -3.75 11.70 13.46
N GLY B 248 -2.82 12.60 13.76
CA GLY B 248 -2.52 12.89 15.15
C GLY B 248 -1.36 13.83 15.35
N MET B 249 -0.94 13.94 16.60
CA MET B 249 0.11 14.85 17.05
C MET B 249 0.70 14.28 18.33
N ALA B 250 1.69 14.98 18.89
CA ALA B 250 2.43 14.49 20.05
C ALA B 250 2.55 15.58 21.10
N ILE B 251 2.67 15.18 22.36
CA ILE B 251 2.92 16.09 23.46
C ILE B 251 4.16 15.62 24.24
N ARG B 252 5.24 16.39 24.14
CA ARG B 252 6.51 16.06 24.81
C ARG B 252 6.46 16.45 26.28
N VAL B 253 6.87 15.53 27.14
CA VAL B 253 6.84 15.75 28.59
C VAL B 253 8.21 15.37 29.21
N PRO B 254 8.54 15.90 30.40
CA PRO B 254 9.90 15.75 30.98
C PRO B 254 10.45 14.36 31.36
N THR B 255 9.64 13.31 31.35
CA THR B 255 10.10 11.99 31.77
C THR B 255 11.16 11.45 30.77
N PRO B 256 12.18 10.68 31.26
CA PRO B 256 13.31 10.24 30.40
C PRO B 256 13.03 9.11 29.40
N ASP B 257 12.02 8.29 29.69
CA ASP B 257 11.64 7.16 28.83
C ASP B 257 10.21 6.74 29.11
N VAL B 258 9.59 6.15 28.09
CA VAL B 258 8.22 5.61 28.06
C VAL B 258 7.17 6.63 27.64
N SER B 259 6.25 6.16 26.81
CA SER B 259 5.33 7.03 26.10
C SER B 259 3.99 6.32 25.96
N VAL B 260 2.92 7.08 25.70
CA VAL B 260 1.58 6.50 25.67
C VAL B 260 0.73 7.01 24.48
N VAL B 261 0.05 6.08 23.80
CA VAL B 261 -0.88 6.42 22.71
C VAL B 261 -2.27 6.62 23.29
N ASP B 262 -2.92 7.67 22.79
CA ASP B 262 -4.24 8.06 23.24
C ASP B 262 -5.03 8.20 21.93
N LEU B 263 -5.73 7.13 21.57
CA LEU B 263 -6.49 7.08 20.31
C LEU B 263 -7.99 7.32 20.51
N THR B 264 -8.49 8.41 19.91
CA THR B 264 -9.92 8.69 19.90
C THR B 264 -10.50 8.30 18.56
N CYS B 265 -11.33 7.26 18.54
CA CYS B 265 -11.86 6.72 17.28
C CYS B 265 -13.37 6.43 17.29
N LYS B 266 -13.99 6.68 16.13
CA LYS B 266 -15.35 6.26 15.86
C LYS B 266 -15.33 4.87 15.17
N LEU B 267 -16.14 3.95 15.70
CA LEU B 267 -16.18 2.58 15.23
C LEU B 267 -17.38 2.34 14.32
N ALA B 268 -17.23 1.45 13.35
CA ALA B 268 -18.28 1.16 12.35
C ALA B 268 -19.35 0.22 12.89
N LYS B 269 -18.97 -0.55 13.91
CA LYS B 269 -19.86 -1.40 14.68
C LYS B 269 -19.62 -1.08 16.15
N PRO B 270 -20.69 -1.09 16.98
CA PRO B 270 -20.59 -0.84 18.42
C PRO B 270 -19.66 -1.83 19.15
N ALA B 271 -18.93 -1.31 20.14
CA ALA B 271 -18.10 -2.15 20.99
C ALA B 271 -17.84 -1.50 22.33
N SER B 272 -18.00 -2.28 23.39
CA SER B 272 -17.69 -1.84 24.73
C SER B 272 -16.18 -1.93 24.94
N ILE B 273 -15.70 -1.23 25.97
CA ILE B 273 -14.31 -1.38 26.40
C ILE B 273 -13.96 -2.86 26.66
N GLU B 274 -14.89 -3.57 27.31
CA GLU B 274 -14.74 -5.02 27.56
C GLU B 274 -14.56 -5.86 26.28
N GLU B 275 -15.38 -5.61 25.25
CA GLU B 275 -15.23 -6.30 23.96
C GLU B 275 -13.94 -5.96 23.20
N ILE B 276 -13.52 -4.69 23.33
CA ILE B 276 -12.25 -4.25 22.75
C ILE B 276 -11.09 -4.93 23.47
N TYR B 277 -11.19 -4.98 24.79
CA TYR B 277 -10.15 -5.64 25.60
C TYR B 277 -10.02 -7.12 25.21
N GLN B 278 -11.16 -7.77 24.93
CA GLN B 278 -11.16 -9.18 24.53
C GLN B 278 -10.49 -9.38 23.17
N ALA B 279 -10.76 -8.48 22.21
CA ALA B 279 -10.10 -8.48 20.91
C ALA B 279 -8.59 -8.28 21.07
N VAL B 280 -8.20 -7.33 21.91
CA VAL B 280 -6.78 -7.12 22.19
C VAL B 280 -6.20 -8.41 22.79
N LYS B 281 -6.90 -8.95 23.80
CA LYS B 281 -6.47 -10.16 24.47
C LYS B 281 -6.28 -11.34 23.50
N GLU B 282 -7.16 -11.44 22.51
CA GLU B 282 -7.11 -12.51 21.53
C GLU B 282 -5.86 -12.39 20.63
N ALA B 283 -5.61 -11.19 20.10
CA ALA B 283 -4.46 -10.98 19.24
C ALA B 283 -3.15 -11.13 20.00
N SER B 284 -3.09 -10.60 21.22
CA SER B 284 -1.92 -10.69 22.10
C SER B 284 -1.50 -12.13 22.44
N ASN B 285 -2.47 -13.04 22.48
CA ASN B 285 -2.21 -14.43 22.83
C ASN B 285 -2.13 -15.34 21.62
N GLY B 286 -2.33 -14.76 20.44
CA GLY B 286 -2.35 -15.51 19.20
C GLY B 286 -1.39 -14.92 18.18
N PRO B 287 -1.93 -14.24 17.14
CA PRO B 287 -1.09 -13.80 16.01
C PRO B 287 -0.13 -12.64 16.34
N MET B 288 -0.39 -11.92 17.43
CA MET B 288 0.49 -10.82 17.84
C MET B 288 1.33 -11.12 19.09
N LYS B 289 1.56 -12.40 19.37
CA LYS B 289 2.38 -12.83 20.51
C LYS B 289 3.70 -12.06 20.56
N GLY B 290 3.94 -11.39 21.69
CA GLY B 290 5.19 -10.64 21.92
C GLY B 290 5.11 -9.19 21.48
N ILE B 291 4.14 -8.88 20.63
CA ILE B 291 4.04 -7.56 19.99
C ILE B 291 2.95 -6.75 20.66
N MET B 292 1.74 -7.31 20.69
CA MET B 292 0.65 -6.71 21.45
C MET B 292 0.58 -7.36 22.85
N GLY B 293 0.33 -6.52 23.85
CA GLY B 293 0.14 -6.94 25.21
C GLY B 293 -0.95 -6.09 25.83
N TYR B 294 -1.37 -6.44 27.04
CA TYR B 294 -2.47 -5.76 27.72
C TYR B 294 -2.29 -5.85 29.22
N THR B 295 -3.03 -5.01 29.95
CA THR B 295 -3.03 -5.02 31.42
C THR B 295 -4.36 -4.45 31.87
N SER B 296 -4.83 -4.88 33.04
CA SER B 296 -5.95 -4.22 33.75
C SER B 296 -5.46 -3.62 35.06
N ASP B 297 -4.14 -3.63 35.26
CA ASP B 297 -3.52 -3.11 36.47
C ASP B 297 -3.40 -1.59 36.41
N ASP B 298 -3.18 -0.97 37.59
CA ASP B 298 -3.10 0.49 37.72
C ASP B 298 -1.69 1.00 37.42
N VAL B 299 -1.31 0.85 36.15
CA VAL B 299 0.07 1.07 35.74
C VAL B 299 0.39 2.53 35.45
N VAL B 300 1.67 2.85 35.48
CA VAL B 300 2.18 4.18 35.14
C VAL B 300 3.40 3.96 34.23
N SER B 301 3.88 5.01 33.58
CA SER B 301 4.93 4.85 32.55
C SER B 301 6.15 4.04 33.00
N THR B 302 6.64 4.31 34.21
CA THR B 302 7.83 3.60 34.72
C THR B 302 7.68 2.07 34.80
N ASP B 303 6.44 1.60 34.80
CA ASP B 303 6.15 0.16 34.83
C ASP B 303 6.52 -0.52 33.53
N PHE B 304 6.80 0.28 32.48
CA PHE B 304 7.12 -0.27 31.16
C PHE B 304 8.54 -0.05 30.71
N ILE B 305 9.37 0.52 31.58
CA ILE B 305 10.79 0.60 31.28
C ILE B 305 11.34 -0.82 31.12
N GLY B 306 11.93 -1.06 29.96
CA GLY B 306 12.47 -2.37 29.62
C GLY B 306 11.49 -3.30 28.94
N CYS B 307 10.21 -2.92 28.87
CA CYS B 307 9.17 -3.78 28.28
C CYS B 307 9.40 -3.97 26.79
N LYS B 308 9.27 -5.21 26.34
CA LYS B 308 9.59 -5.56 24.96
C LYS B 308 8.36 -5.54 24.04
N TYR B 309 7.16 -5.34 24.61
CA TYR B 309 5.93 -5.22 23.81
C TYR B 309 5.96 -3.95 22.92
N SER B 310 5.30 -4.01 21.77
CA SER B 310 5.19 -2.81 20.92
C SER B 310 4.11 -1.87 21.47
N SER B 311 3.07 -2.46 22.03
CA SER B 311 1.87 -1.78 22.43
C SER B 311 1.27 -2.57 23.59
N ILE B 312 1.04 -1.90 24.71
CA ILE B 312 0.43 -2.52 25.87
C ILE B 312 -0.87 -1.79 26.19
N PHE B 313 -1.99 -2.40 25.82
CA PHE B 313 -3.33 -1.87 26.06
C PHE B 313 -3.61 -1.74 27.55
N ASP B 314 -4.06 -0.55 27.94
CA ASP B 314 -4.30 -0.20 29.34
C ASP B 314 -5.82 -0.20 29.50
N LYS B 315 -6.38 -1.36 29.84
CA LYS B 315 -7.85 -1.51 29.90
C LYS B 315 -8.51 -0.43 30.75
N ASN B 316 -7.97 -0.20 31.95
CA ASN B 316 -8.63 0.65 32.92
C ASN B 316 -8.35 2.15 32.81
N ALA B 317 -7.54 2.54 31.84
CA ALA B 317 -7.36 3.96 31.50
C ALA B 317 -8.24 4.41 30.34
N CYS B 318 -8.65 3.46 29.50
CA CYS B 318 -9.59 3.69 28.40
C CYS B 318 -10.91 4.30 28.90
N ILE B 319 -11.60 5.02 28.02
CA ILE B 319 -12.95 5.52 28.32
C ILE B 319 -13.80 5.63 27.06
N ALA B 320 -15.06 5.27 27.17
CA ALA B 320 -16.01 5.37 26.06
C ALA B 320 -17.08 6.44 26.35
N LEU B 321 -17.40 7.26 25.35
CA LEU B 321 -18.58 8.11 25.45
C LEU B 321 -19.84 7.28 25.22
N ASN B 322 -19.78 6.41 24.22
CA ASN B 322 -20.89 5.52 23.88
C ASN B 322 -20.34 4.31 23.14
N ASP B 323 -21.24 3.47 22.63
CA ASP B 323 -20.86 2.21 22.01
C ASP B 323 -19.96 2.35 20.79
N SER B 324 -19.85 3.54 20.24
CA SER B 324 -19.15 3.71 18.97
C SER B 324 -18.00 4.73 18.96
N PHE B 325 -17.91 5.52 20.03
CA PHE B 325 -16.95 6.61 20.10
C PHE B 325 -16.07 6.34 21.32
N VAL B 326 -14.81 5.98 21.10
CA VAL B 326 -13.97 5.53 22.23
C VAL B 326 -12.57 6.19 22.32
N LYS B 327 -12.00 6.21 23.53
CA LYS B 327 -10.65 6.69 23.75
C LYS B 327 -9.84 5.54 24.35
N LEU B 328 -8.93 5.01 23.55
CA LEU B 328 -8.08 3.87 23.92
C LEU B 328 -6.65 4.29 24.29
N ILE B 329 -6.13 3.66 25.34
CA ILE B 329 -4.81 3.97 25.89
C ILE B 329 -3.84 2.79 25.73
N SER B 330 -2.68 3.05 25.12
CA SER B 330 -1.67 1.99 24.97
C SER B 330 -0.24 2.49 25.18
N TRP B 331 0.49 1.81 26.06
CA TRP B 331 1.83 2.22 26.45
C TRP B 331 2.85 1.66 25.50
N TYR B 332 4.04 2.25 25.49
CA TYR B 332 5.19 1.71 24.77
C TYR B 332 6.46 2.29 25.34
N ASP B 333 7.46 1.42 25.53
CA ASP B 333 8.80 1.91 25.84
C ASP B 333 9.40 2.33 24.51
N ASN B 334 9.36 3.63 24.23
CA ASN B 334 9.87 4.17 22.98
C ASN B 334 11.31 3.77 22.62
N GLU B 335 12.14 3.52 23.63
CA GLU B 335 13.50 3.05 23.43
C GLU B 335 13.57 1.52 23.31
N SER B 336 13.12 0.79 24.33
CA SER B 336 13.33 -0.67 24.40
C SER B 336 12.46 -1.52 23.49
N GLY B 337 11.18 -1.17 23.40
CA GLY B 337 10.24 -1.89 22.56
C GLY B 337 10.61 -1.76 21.10
N TYR B 338 10.93 -0.53 20.71
CA TYR B 338 11.28 -0.21 19.34
C TYR B 338 12.57 -0.90 18.89
N SER B 339 13.58 -0.85 19.76
CA SER B 339 14.87 -1.47 19.47
C SER B 339 14.75 -2.99 19.32
N ASN B 340 13.93 -3.62 20.17
CA ASN B 340 13.61 -5.05 20.03
C ASN B 340 12.88 -5.41 18.75
N ARG B 341 11.98 -4.52 18.31
CA ARG B 341 11.31 -4.69 17.03
C ARG B 341 12.27 -4.56 15.86
N LEU B 342 13.24 -3.64 15.95
CA LEU B 342 14.24 -3.50 14.89
C LEU B 342 15.05 -4.78 14.73
N VAL B 343 15.49 -5.34 15.85
CA VAL B 343 16.18 -6.63 15.87
C VAL B 343 15.30 -7.77 15.32
N ASP B 344 14.06 -7.84 15.78
CA ASP B 344 13.05 -8.76 15.20
C ASP B 344 12.97 -8.61 13.69
N LEU B 345 12.88 -7.36 13.22
CA LEU B 345 12.79 -7.10 11.79
C LEU B 345 14.05 -7.58 11.06
N ALA B 346 15.22 -7.32 11.66
CA ALA B 346 16.50 -7.76 11.11
C ALA B 346 16.62 -9.27 11.03
N VAL B 347 16.11 -9.95 12.06
CA VAL B 347 16.11 -11.40 12.10
C VAL B 347 15.13 -11.95 11.05
N TYR B 348 13.98 -11.30 10.93
CA TYR B 348 13.02 -11.67 9.88
C TYR B 348 13.62 -11.48 8.49
N VAL B 349 14.18 -10.29 8.26
CA VAL B 349 14.80 -9.96 6.98
C VAL B 349 15.88 -10.98 6.60
N ALA B 350 16.69 -11.38 7.58
CA ALA B 350 17.70 -12.42 7.37
C ALA B 350 17.10 -13.79 6.99
N SER B 351 15.99 -14.15 7.64
CA SER B 351 15.31 -15.42 7.38
C SER B 351 14.73 -15.50 5.96
N ARG B 352 14.53 -14.35 5.35
CA ARG B 352 13.97 -14.28 4.00
C ARG B 352 15.02 -14.41 2.90
N GLY B 353 16.29 -14.27 3.28
CA GLY B 353 17.40 -14.51 2.36
C GLY B 353 18.08 -13.23 1.86
N LEU B 354 19.41 -13.27 1.83
CA LEU B 354 20.23 -12.15 1.36
C LEU B 354 21.59 -12.63 0.87
PA NAD C . -22.76 1.38 -18.94
O1A NAD C . -23.70 2.52 -18.62
O2A NAD C . -22.65 0.91 -20.33
O5B NAD C . -23.17 0.08 -18.10
C5B NAD C . -23.78 0.16 -16.82
C4B NAD C . -24.86 -0.93 -16.72
O4B NAD C . -25.30 -1.13 -15.35
C3B NAD C . -26.07 -0.49 -17.54
O3B NAD C . -26.42 -1.58 -18.37
C2B NAD C . -27.16 -0.26 -16.48
O2B NAD C . -28.47 -0.60 -17.03
C1B NAD C . -26.75 -1.22 -15.36
N9A NAD C . -27.31 -0.93 -13.99
C8A NAD C . -27.64 0.27 -13.50
N7A NAD C . -28.11 0.15 -12.25
C5A NAD C . -28.10 -1.14 -11.95
C6A NAD C . -28.46 -1.87 -10.81
N6A NAD C . -28.96 -1.24 -9.73
N1A NAD C . -28.32 -3.21 -10.83
C2A NAD C . -27.83 -3.84 -11.89
N3A NAD C . -27.48 -3.17 -13.00
C4A NAD C . -27.59 -1.83 -13.06
O3 NAD C . -21.30 1.71 -18.26
PN NAD C . -19.95 0.97 -18.64
O1N NAD C . -19.15 1.78 -19.59
O2N NAD C . -20.25 -0.45 -18.95
O5D NAD C . -19.15 1.04 -17.22
C5D NAD C . -19.59 0.33 -16.05
C4D NAD C . -18.52 0.40 -14.96
O4D NAD C . -17.18 0.08 -15.50
C3D NAD C . -18.39 1.82 -14.40
O3D NAD C . -17.88 1.70 -13.07
C2D NAD C . -17.36 2.44 -15.33
O2D NAD C . -16.71 3.53 -14.70
C1D NAD C . -16.38 1.26 -15.43
N1N NAD C . -15.49 1.23 -16.61
C2N NAD C . -15.93 1.62 -17.89
C3N NAD C . -15.02 1.56 -18.95
C7N NAD C . -15.41 1.96 -20.37
O7N NAD C . -14.50 2.58 -21.18
N7N NAD C . -16.65 1.70 -20.77
C4N NAD C . -13.70 1.14 -18.73
C5N NAD C . -13.28 0.76 -17.46
C6N NAD C . -14.17 0.80 -16.40
PA NAD D . 20.31 9.88 19.42
O1A NAD D . 20.62 11.33 19.18
O2A NAD D . 20.45 9.33 20.77
O5B NAD D . 21.30 9.03 18.50
C5B NAD D . 21.89 9.54 17.33
C4B NAD D . 23.30 8.90 17.17
O4B NAD D . 23.73 9.02 15.80
C3B NAD D . 24.25 9.76 18.01
O3B NAD D . 25.02 8.90 18.84
C2B NAD D . 25.12 10.48 16.98
O2B NAD D . 26.46 10.62 17.45
C1B NAD D . 25.07 9.52 15.80
N9A NAD D . 25.42 10.10 14.46
C8A NAD D . 25.19 11.35 14.03
N7A NAD D . 25.66 11.47 12.79
C5A NAD D . 26.19 10.31 12.43
C6A NAD D . 26.81 9.84 11.28
N6A NAD D . 26.98 10.65 10.22
N1A NAD D . 27.24 8.56 11.24
C2A NAD D . 27.07 7.76 12.28
N3A NAD D . 26.50 8.19 13.40
C4A NAD D . 26.04 9.45 13.50
O3 NAD D . 18.82 9.51 18.75
PN NAD D . 17.85 8.21 19.01
O1N NAD D . 19.03 7.33 19.22
O2N NAD D . 17.09 8.92 20.09
O5D NAD D . 17.39 8.48 17.51
C5D NAD D . 17.90 7.72 16.41
C4D NAD D . 16.84 7.57 15.29
O4D NAD D . 15.84 6.63 15.78
C3D NAD D . 16.09 8.85 14.93
O3D NAD D . 15.67 8.73 13.57
C2D NAD D . 14.86 8.82 15.84
O2D NAD D . 13.79 9.48 15.18
C1D NAD D . 14.57 7.32 15.82
N1N NAD D . 13.83 6.78 16.98
C2N NAD D . 14.04 7.27 18.28
C3N NAD D . 13.32 6.71 19.33
C7N NAD D . 13.51 7.21 20.76
O7N NAD D . 12.46 7.24 21.61
N7N NAD D . 14.74 7.57 21.13
C4N NAD D . 12.39 5.70 19.08
C5N NAD D . 12.17 5.21 17.80
C6N NAD D . 12.89 5.74 16.75
#